data_4ZP4
#
_entry.id   4ZP4
#
_cell.length_a   49.006
_cell.length_b   76.463
_cell.length_c   98.817
_cell.angle_alpha   90.060
_cell.angle_beta   90.190
_cell.angle_gamma   73.130
#
_symmetry.space_group_name_H-M   'P 1'
#
loop_
_entity.id
_entity.type
_entity.pdbx_description
1 polymer 'Aryl hydrocarbon receptor nuclear translocator'
2 polymer 'Endothelial PAS domain-containing protein 1'
3 water water
#
loop_
_entity_poly.entity_id
_entity_poly.type
_entity_poly.pdbx_seq_one_letter_code
_entity_poly.pdbx_strand_id
1 'polypeptide(L)'
;MSSADKERLARENHSEIERRRRNKMTAYITELSDMVPTCSALARKPDKLTILRMAVSHMKSLRGTGNTSTDGSYKPSFLT
DQELKHLILEAADGFLFIVSCETGRVVYVSDSVTPVLNQPQSEWFGSTLYDQVHPDDVDKLREQLSTSENALTGRVLDLK
TGTVKKEGQQSSMRMCMGSRRSFICRMRCGTSSVDPVSMNRLSFLRNRCRNGLGSVKEGEPHFVVVHCTGYIKAWPPAGV
SLPDDDPEAGQGSKFCLVAIGRLQVTSSPNCTDMSNICQPTEFISRHNIEGIFTFVDHRCVATVGYQPQELLGKNIVEFC
HPEDQQLLRDSFQQVVKLKGQVLSVMFRFRSKTREWLWMRTSSFTFQNPYSDEIEYIICTNTNV
;
A,C
2 'polypeptide(L)'
;MADKEKKRSSSELRKEKSRDAARCRRSKETEVFYELAHELPLPHSVSSHLDKASIMRLAISFLRTHKLLSSVCSENESEA
EADQQMDNLYLKALEGFIAVVTQDGDMIFLSENISKFMGLTQVELTGHSIFDFTHPCDHEEIRENLTLKNGSGFGKKSKD
VSTERDFFMRMKCTVTNRGRTVNLKSATWKVLHCTGQVRVYNNCPPHSSLCGSKEPLLSCLIIMCEPIQHPSHMDIPLDS
KTFLSRHSMDMKFTYCDDRILELIGYHPEELLGRSAYEFYHALDSENMTKSHQNLCTKGQVVSGQYRMLAKHGGYVWLET
QGTVIYNPRNLQPQCIMCVNYVLSEIEKNDVVFSMDQTES
;
B,D
#
# COMPACT_ATOMS: atom_id res chain seq x y z
N GLU A 18 35.08 -25.61 -8.52
CA GLU A 18 33.86 -25.40 -9.28
C GLU A 18 34.14 -25.26 -10.77
N ARG A 19 33.09 -25.47 -11.57
CA ARG A 19 33.17 -25.27 -13.02
C ARG A 19 33.34 -23.83 -13.48
N ARG A 20 32.46 -22.95 -13.02
CA ARG A 20 32.40 -21.59 -13.55
C ARG A 20 33.53 -20.70 -12.98
N ARG A 21 34.13 -21.17 -11.89
CA ARG A 21 35.41 -20.65 -11.37
C ARG A 21 36.40 -20.31 -12.48
N ARG A 22 36.77 -21.33 -13.23
CA ARG A 22 37.77 -21.21 -14.28
C ARG A 22 37.23 -20.32 -15.40
N ASN A 23 35.94 -20.45 -15.69
CA ASN A 23 35.31 -19.66 -16.76
C ASN A 23 35.38 -18.18 -16.51
N LYS A 24 35.28 -17.76 -15.25
CA LYS A 24 35.22 -16.33 -15.00
C LYS A 24 36.61 -15.74 -14.90
N MET A 25 37.60 -16.56 -14.58
CA MET A 25 38.96 -16.12 -14.71
C MET A 25 39.17 -15.78 -16.15
N THR A 26 38.64 -16.60 -17.02
CA THR A 26 38.80 -16.40 -18.44
C THR A 26 38.08 -15.18 -18.93
N ALA A 27 36.85 -15.01 -18.48
CA ALA A 27 36.08 -13.84 -18.86
C ALA A 27 36.86 -12.64 -18.43
N TYR A 28 37.47 -12.74 -17.25
CA TYR A 28 38.40 -11.72 -16.78
C TYR A 28 39.57 -11.59 -17.74
N ILE A 29 40.18 -12.72 -18.05
CA ILE A 29 41.35 -12.71 -18.91
C ILE A 29 40.99 -12.13 -20.24
N THR A 30 39.91 -12.65 -20.81
CA THR A 30 39.42 -12.20 -22.09
C THR A 30 39.27 -10.71 -22.03
N GLU A 31 38.60 -10.27 -20.98
CA GLU A 31 38.33 -8.87 -20.77
C GLU A 31 39.60 -8.07 -20.75
N LEU A 32 40.59 -8.58 -20.01
CA LEU A 32 41.90 -7.96 -19.94
C LEU A 32 42.56 -7.70 -21.29
N SER A 33 42.61 -8.71 -22.13
CA SER A 33 43.21 -8.55 -23.45
C SER A 33 42.43 -7.63 -24.36
N ASP A 34 41.10 -7.66 -24.23
CA ASP A 34 40.27 -6.78 -25.01
C ASP A 34 40.64 -5.36 -24.67
N MET A 35 41.23 -5.20 -23.49
CA MET A 35 41.43 -3.87 -22.96
C MET A 35 42.90 -3.47 -22.95
N VAL A 36 43.83 -4.41 -23.07
CA VAL A 36 45.23 -4.04 -23.27
C VAL A 36 45.43 -3.88 -24.77
N PRO A 37 45.56 -2.63 -25.24
CA PRO A 37 45.55 -2.27 -26.66
C PRO A 37 46.71 -2.93 -27.39
N THR A 38 47.89 -2.88 -26.81
CA THR A 38 49.06 -3.53 -27.38
C THR A 38 48.87 -5.03 -27.42
N CYS A 39 48.00 -5.53 -26.56
CA CYS A 39 47.69 -6.95 -26.53
C CYS A 39 46.49 -7.19 -27.43
N SER A 40 45.52 -6.29 -27.32
CA SER A 40 44.30 -6.34 -28.10
C SER A 40 44.53 -6.15 -29.60
N ALA A 41 45.42 -5.22 -29.95
CA ALA A 41 45.69 -4.94 -31.35
C ALA A 41 46.40 -6.12 -32.03
N LEU A 42 46.47 -7.25 -31.33
CA LEU A 42 47.26 -8.38 -31.81
C LEU A 42 46.45 -9.30 -32.72
N ALA A 43 47.16 -9.98 -33.62
CA ALA A 43 46.58 -10.83 -34.68
C ALA A 43 45.62 -11.87 -34.15
N ARG A 44 46.06 -12.62 -33.16
CA ARG A 44 45.15 -13.46 -32.42
C ARG A 44 45.49 -13.28 -30.96
N LYS A 45 44.69 -13.90 -30.12
CA LYS A 45 44.82 -13.79 -28.68
C LYS A 45 46.05 -14.52 -28.12
N PRO A 46 46.94 -13.78 -27.42
CA PRO A 46 48.08 -14.38 -26.70
C PRO A 46 47.63 -15.25 -25.50
N ASP A 47 48.55 -15.98 -24.88
CA ASP A 47 48.19 -16.85 -23.75
C ASP A 47 48.03 -16.14 -22.42
N LYS A 48 47.65 -16.96 -21.45
CA LYS A 48 47.51 -16.54 -20.07
C LYS A 48 48.78 -15.87 -19.55
N LEU A 49 49.94 -16.51 -19.73
CA LEU A 49 51.14 -16.00 -19.10
C LEU A 49 51.53 -14.69 -19.74
N THR A 50 51.23 -14.56 -21.04
CA THR A 50 51.59 -13.34 -21.75
C THR A 50 50.72 -12.16 -21.43
N ILE A 51 49.42 -12.31 -21.63
CA ILE A 51 48.49 -11.23 -21.36
C ILE A 51 48.75 -10.71 -19.96
N LEU A 52 49.04 -11.66 -19.08
CA LEU A 52 49.41 -11.36 -17.70
C LEU A 52 50.68 -10.54 -17.66
N ARG A 53 51.56 -10.72 -18.63
CA ARG A 53 52.76 -9.90 -18.63
C ARG A 53 52.67 -8.79 -19.69
N MET A 54 51.57 -8.71 -20.44
CA MET A 54 51.34 -7.57 -21.35
C MET A 54 50.53 -6.49 -20.69
N ALA A 55 49.73 -6.88 -19.71
CA ALA A 55 49.06 -5.92 -18.88
C ALA A 55 50.07 -5.29 -17.93
N VAL A 56 50.95 -6.11 -17.36
CA VAL A 56 51.99 -5.60 -16.46
C VAL A 56 52.83 -4.56 -17.18
N SER A 57 53.33 -4.88 -18.38
CA SER A 57 54.12 -3.91 -19.15
C SER A 57 53.27 -2.69 -19.52
N HIS A 58 52.01 -2.93 -19.85
CA HIS A 58 51.12 -1.85 -20.30
C HIS A 58 50.71 -0.83 -19.24
N MET A 59 50.57 -1.26 -18.00
CA MET A 59 50.32 -0.32 -16.92
C MET A 59 51.63 0.20 -16.34
N LYS A 60 52.70 -0.56 -16.54
CA LYS A 60 54.02 -0.13 -16.09
C LYS A 60 54.38 1.03 -16.98
N SER A 61 53.69 1.10 -18.12
CA SER A 61 53.60 2.31 -18.89
C SER A 61 52.90 3.35 -18.00
N LEU A 62 51.60 3.15 -17.76
CA LEU A 62 50.82 4.07 -16.93
C LEU A 62 51.35 4.22 -15.51
N LEU A 79 44.45 5.01 -10.08
CA LEU A 79 43.74 6.25 -10.36
C LEU A 79 44.69 7.44 -10.35
N THR A 80 44.51 8.34 -11.32
CA THR A 80 45.35 9.53 -11.43
C THR A 80 45.22 10.42 -10.19
N ASP A 81 46.28 11.16 -9.90
CA ASP A 81 46.25 12.08 -8.76
C ASP A 81 45.27 13.19 -9.08
N GLN A 82 45.36 13.70 -10.30
CA GLN A 82 44.47 14.77 -10.75
C GLN A 82 43.06 14.25 -10.96
N GLU A 83 42.94 12.99 -11.38
CA GLU A 83 41.64 12.39 -11.61
C GLU A 83 40.74 12.28 -10.39
N LEU A 84 41.30 11.94 -9.23
CA LEU A 84 40.46 11.79 -8.04
C LEU A 84 39.78 13.12 -7.84
N LYS A 85 40.55 14.17 -8.04
CA LYS A 85 40.07 15.54 -7.95
C LYS A 85 39.00 15.80 -8.99
N HIS A 86 39.23 15.28 -10.20
CA HIS A 86 38.31 15.44 -11.31
C HIS A 86 36.96 14.78 -11.06
N LEU A 87 36.99 13.61 -10.45
CA LEU A 87 35.76 12.88 -10.14
C LEU A 87 34.89 13.67 -9.19
N ILE A 88 35.54 14.31 -8.21
CA ILE A 88 34.82 15.11 -7.24
C ILE A 88 33.99 16.13 -7.96
N LEU A 89 34.62 16.81 -8.90
CA LEU A 89 33.95 17.86 -9.62
C LEU A 89 32.78 17.27 -10.36
N GLU A 90 33.02 16.15 -11.00
CA GLU A 90 31.96 15.46 -11.72
C GLU A 90 30.86 15.13 -10.75
N ALA A 91 31.22 14.35 -9.74
CA ALA A 91 30.30 13.83 -8.77
C ALA A 91 29.67 14.92 -7.93
N ALA A 92 30.49 15.60 -7.16
CA ALA A 92 29.96 16.41 -6.09
C ALA A 92 29.91 17.86 -6.45
N ASP A 93 30.39 18.18 -7.63
CA ASP A 93 30.55 19.57 -8.02
C ASP A 93 31.34 20.24 -6.92
N GLY A 94 32.40 19.58 -6.51
CA GLY A 94 33.19 20.06 -5.40
C GLY A 94 34.51 20.56 -5.89
N PHE A 95 35.12 21.44 -5.11
CA PHE A 95 36.45 21.91 -5.43
C PHE A 95 37.24 22.02 -4.13
N LEU A 96 38.57 21.97 -4.24
CA LEU A 96 39.41 21.98 -3.05
C LEU A 96 40.00 23.34 -2.74
N PHE A 97 40.30 23.56 -1.46
CA PHE A 97 40.93 24.80 -1.00
C PHE A 97 41.59 24.62 0.38
N ILE A 98 42.66 25.36 0.64
CA ILE A 98 43.31 25.32 1.94
C ILE A 98 43.53 26.72 2.46
N VAL A 99 43.14 26.95 3.71
CA VAL A 99 43.26 28.26 4.29
C VAL A 99 44.02 28.21 5.62
N SER A 100 44.82 29.25 5.86
CA SER A 100 45.56 29.34 7.09
C SER A 100 44.51 29.59 8.16
N CYS A 101 44.57 28.77 9.19
CA CYS A 101 43.63 28.82 10.31
C CYS A 101 43.68 30.07 11.19
N GLU A 102 44.87 30.62 11.41
CA GLU A 102 45.00 31.71 12.36
C GLU A 102 44.39 32.95 11.71
N THR A 103 44.59 33.11 10.41
CA THR A 103 44.13 34.31 9.72
C THR A 103 42.96 34.09 8.77
N GLY A 104 42.81 32.86 8.28
CA GLY A 104 41.88 32.58 7.22
C GLY A 104 42.47 32.86 5.85
N ARG A 105 43.77 33.06 5.81
CA ARG A 105 44.42 33.36 4.56
C ARG A 105 44.38 32.09 3.73
N VAL A 106 44.03 32.24 2.45
CA VAL A 106 43.97 31.10 1.56
C VAL A 106 45.34 30.78 1.06
N VAL A 107 45.85 29.65 1.52
CA VAL A 107 47.18 29.25 1.14
C VAL A 107 47.14 28.55 -0.21
N TYR A 108 45.96 28.07 -0.58
CA TYR A 108 45.74 27.43 -1.89
C TYR A 108 44.28 27.31 -2.27
N VAL A 109 43.98 27.44 -3.57
CA VAL A 109 42.68 27.01 -4.06
C VAL A 109 42.88 26.26 -5.37
N SER A 110 42.15 25.16 -5.53
CA SER A 110 42.25 24.44 -6.77
C SER A 110 41.51 25.26 -7.77
N ASP A 111 41.77 24.99 -9.03
CA ASP A 111 41.16 25.78 -10.09
C ASP A 111 39.70 25.42 -10.27
N SER A 112 39.28 24.34 -9.62
CA SER A 112 37.90 23.92 -9.76
C SER A 112 36.96 24.94 -9.12
N VAL A 113 37.52 25.89 -8.38
CA VAL A 113 36.76 27.02 -7.90
C VAL A 113 36.12 27.72 -9.08
N THR A 114 36.74 27.58 -10.24
CA THR A 114 36.27 28.27 -11.42
C THR A 114 35.01 27.58 -11.94
N PRO A 115 35.09 26.26 -12.26
CA PRO A 115 33.80 25.67 -12.64
C PRO A 115 32.79 25.65 -11.52
N VAL A 116 33.25 25.50 -10.27
CA VAL A 116 32.32 25.43 -9.18
C VAL A 116 31.78 26.82 -8.87
N LEU A 117 32.65 27.80 -8.66
CA LEU A 117 32.13 29.10 -8.25
C LEU A 117 32.08 30.18 -9.30
N ASN A 118 32.45 29.89 -10.55
CA ASN A 118 32.59 30.96 -11.51
C ASN A 118 33.62 31.88 -10.91
N GLN A 119 34.70 31.30 -10.40
CA GLN A 119 35.70 32.12 -9.75
C GLN A 119 37.10 31.79 -10.14
N PRO A 120 37.86 32.81 -10.57
CA PRO A 120 39.25 32.66 -10.98
C PRO A 120 40.11 32.23 -9.82
N GLN A 121 41.03 31.32 -10.06
CA GLN A 121 41.92 30.89 -9.01
C GLN A 121 42.63 32.17 -8.61
N SER A 122 42.84 33.03 -9.61
CA SER A 122 43.54 34.29 -9.41
C SER A 122 42.68 35.19 -8.57
N GLU A 123 41.37 34.98 -8.65
CA GLU A 123 40.43 35.68 -7.80
C GLU A 123 40.46 35.06 -6.44
N TRP A 124 40.81 33.78 -6.41
CA TRP A 124 40.74 33.07 -5.15
C TRP A 124 42.07 32.80 -4.44
N PHE A 125 43.15 32.61 -5.18
CA PHE A 125 44.36 32.19 -4.50
C PHE A 125 45.05 33.41 -3.92
N GLY A 126 45.48 33.29 -2.66
CA GLY A 126 46.12 34.39 -1.95
C GLY A 126 45.18 35.22 -1.08
N SER A 127 43.93 34.78 -0.98
CA SER A 127 42.90 35.60 -0.35
C SER A 127 42.41 35.09 1.00
N THR A 128 41.32 35.68 1.46
CA THR A 128 40.74 35.35 2.74
C THR A 128 39.33 34.81 2.54
N LEU A 129 39.06 33.67 3.14
CA LEU A 129 37.74 33.05 3.01
C LEU A 129 36.61 33.98 3.38
N TYR A 130 36.85 34.84 4.36
CA TYR A 130 35.85 35.80 4.78
C TYR A 130 35.45 36.71 3.65
N ASP A 131 36.34 36.88 2.69
CA ASP A 131 36.07 37.76 1.57
C ASP A 131 35.11 37.05 0.67
N GLN A 132 35.08 35.74 0.81
CA GLN A 132 34.41 34.92 -0.15
C GLN A 132 33.02 34.48 0.32
N VAL A 133 32.71 34.69 1.60
CA VAL A 133 31.40 34.29 2.13
C VAL A 133 30.44 35.46 2.37
N HIS A 134 29.19 35.11 2.62
CA HIS A 134 28.14 36.04 2.94
C HIS A 134 28.49 36.68 4.28
N PRO A 135 28.29 38.02 4.43
CA PRO A 135 28.71 38.68 5.67
C PRO A 135 28.12 37.98 6.88
N ASP A 136 27.01 37.29 6.68
CA ASP A 136 26.38 36.55 7.76
C ASP A 136 26.99 35.19 7.95
N ASP A 137 27.90 34.80 7.08
CA ASP A 137 28.52 33.51 7.29
C ASP A 137 29.85 33.73 7.93
N VAL A 138 30.18 35.00 8.13
CA VAL A 138 31.49 35.33 8.65
C VAL A 138 31.62 34.75 10.07
N ASP A 139 30.63 35.02 10.92
CA ASP A 139 30.66 34.55 12.29
C ASP A 139 30.83 33.04 12.34
N LYS A 140 29.87 32.33 11.75
CA LYS A 140 29.90 30.88 11.68
C LYS A 140 31.26 30.44 11.25
N LEU A 141 31.82 31.17 10.30
CA LEU A 141 33.14 30.88 9.78
C LEU A 141 34.23 31.04 10.84
N ARG A 142 34.11 32.05 11.67
CA ARG A 142 35.06 32.29 12.76
C ARG A 142 35.15 31.16 13.78
N GLU A 143 34.05 30.47 14.02
CA GLU A 143 34.07 29.43 15.02
C GLU A 143 34.69 28.16 14.50
N GLN A 144 34.66 27.99 13.19
CA GLN A 144 35.17 26.75 12.58
C GLN A 144 36.69 26.71 12.62
N LEU A 145 37.30 27.87 12.59
CA LEU A 145 38.75 27.99 12.51
C LEU A 145 39.44 28.23 13.86
N SER A 146 38.84 27.75 14.95
CA SER A 146 39.42 27.99 16.26
C SER A 146 40.38 26.86 16.63
N THR A 147 41.39 27.15 17.43
CA THR A 147 42.33 26.11 17.83
C THR A 147 41.62 25.01 18.62
N SER A 148 41.98 23.77 18.30
CA SER A 148 41.44 22.61 19.00
C SER A 148 42.56 21.64 19.31
N SER A 179 41.48 17.75 14.26
CA SER A 179 40.10 17.31 14.34
C SER A 179 39.40 17.44 13.00
N ARG A 180 38.21 16.86 12.90
CA ARG A 180 37.43 16.93 11.68
C ARG A 180 36.63 18.22 11.68
N ARG A 181 36.42 18.83 10.52
CA ARG A 181 35.52 19.98 10.46
C ARG A 181 34.54 19.81 9.32
N SER A 182 33.37 20.40 9.47
CA SER A 182 32.34 20.30 8.45
C SER A 182 31.22 21.30 8.70
N PHE A 183 30.83 22.01 7.66
CA PHE A 183 29.81 23.02 7.77
C PHE A 183 29.17 23.38 6.43
N ILE A 184 28.21 24.29 6.48
CA ILE A 184 27.49 24.75 5.29
C ILE A 184 27.52 26.26 5.21
N CYS A 185 27.77 26.82 4.04
CA CYS A 185 27.76 28.29 3.88
C CYS A 185 27.48 28.82 2.46
N ARG A 186 27.16 30.10 2.37
CA ARG A 186 26.86 30.82 1.13
C ARG A 186 28.08 31.53 0.55
N MET A 187 28.47 31.21 -0.68
CA MET A 187 29.64 31.85 -1.31
C MET A 187 29.30 32.62 -2.59
N ARG A 188 30.07 33.65 -2.88
CA ARG A 188 29.78 34.50 -4.04
C ARG A 188 30.40 33.94 -5.30
N CYS A 189 29.67 34.07 -6.41
CA CYS A 189 30.08 33.55 -7.73
C CYS A 189 30.44 34.56 -8.82
N GLY A 190 29.89 35.77 -8.74
CA GLY A 190 30.18 36.81 -9.73
C GLY A 190 29.62 36.55 -11.11
N THR A 191 30.02 37.37 -12.07
CA THR A 191 29.51 37.26 -13.42
C THR A 191 30.31 36.27 -14.25
N PRO A 221 25.82 40.78 -7.05
CA PRO A 221 26.45 39.99 -5.99
C PRO A 221 25.57 38.79 -5.60
N HIS A 222 25.93 37.63 -6.13
CA HIS A 222 25.15 36.40 -5.97
C HIS A 222 25.80 35.33 -5.07
N PHE A 223 25.02 34.69 -4.20
CA PHE A 223 25.56 33.65 -3.32
C PHE A 223 24.96 32.29 -3.61
N VAL A 224 25.77 31.24 -3.43
CA VAL A 224 25.28 29.85 -3.52
C VAL A 224 25.60 29.02 -2.28
N VAL A 225 24.72 28.08 -1.95
CA VAL A 225 24.94 27.23 -0.81
C VAL A 225 25.96 26.14 -1.07
N VAL A 226 26.99 26.11 -0.23
CA VAL A 226 28.13 25.21 -0.40
C VAL A 226 28.39 24.38 0.86
N HIS A 227 28.45 23.07 0.74
CA HIS A 227 28.78 22.20 1.86
C HIS A 227 30.27 21.99 1.94
N CYS A 228 30.86 22.32 3.08
CA CYS A 228 32.30 22.23 3.22
C CYS A 228 32.69 21.11 4.14
N THR A 229 33.59 20.26 3.66
CA THR A 229 34.09 19.16 4.46
C THR A 229 35.60 19.24 4.49
N GLY A 230 36.20 18.83 5.59
CA GLY A 230 37.65 18.92 5.68
C GLY A 230 38.26 18.58 7.03
N TYR A 231 39.51 18.99 7.21
CA TYR A 231 40.24 18.72 8.44
C TYR A 231 41.36 19.72 8.67
N ILE A 232 41.76 19.85 9.94
CA ILE A 232 42.83 20.76 10.32
C ILE A 232 44.21 20.15 10.24
N LYS A 233 45.06 20.76 9.41
CA LYS A 233 46.44 20.30 9.27
C LYS A 233 47.38 21.48 9.54
N ALA A 234 48.36 21.29 10.42
CA ALA A 234 49.29 22.37 10.71
C ALA A 234 50.05 22.80 9.46
N TRP A 235 50.20 24.12 9.31
CA TRP A 235 50.90 24.72 8.19
C TRP A 235 51.12 26.20 8.44
N LYS A 254 49.48 29.65 12.96
CA LYS A 254 50.29 28.45 12.85
C LYS A 254 49.65 27.29 12.10
N PHE A 255 48.37 27.41 11.76
CA PHE A 255 47.61 26.28 11.19
C PHE A 255 46.94 26.51 9.84
N CYS A 256 46.61 25.43 9.15
CA CYS A 256 45.80 25.47 7.93
C CYS A 256 44.60 24.53 7.91
N LEU A 257 43.63 24.87 7.07
CA LEU A 257 42.46 24.02 6.92
C LEU A 257 42.38 23.43 5.55
N VAL A 258 42.30 22.11 5.53
CA VAL A 258 42.18 21.39 4.29
C VAL A 258 40.71 21.02 4.14
N ALA A 259 40.07 21.52 3.07
CA ALA A 259 38.64 21.31 2.91
C ALA A 259 38.17 21.24 1.46
N ILE A 260 37.03 20.59 1.29
CA ILE A 260 36.34 20.53 0.02
C ILE A 260 35.04 21.28 0.12
N GLY A 261 34.77 22.15 -0.83
CA GLY A 261 33.45 22.75 -0.90
C GLY A 261 32.72 22.13 -2.06
N ARG A 262 31.47 21.71 -1.86
CA ARG A 262 30.69 21.15 -2.94
C ARG A 262 29.34 21.82 -3.02
N LEU A 263 28.69 21.71 -4.17
CA LEU A 263 27.38 22.29 -4.32
C LEU A 263 26.31 21.29 -4.04
N GLN A 264 25.08 21.69 -4.28
CA GLN A 264 23.94 20.92 -3.87
C GLN A 264 22.98 20.81 -5.05
N VAL A 265 22.12 19.82 -5.01
CA VAL A 265 21.13 19.63 -6.05
C VAL A 265 19.78 20.33 -5.76
N THR A 266 19.21 20.88 -6.84
CA THR A 266 17.83 21.40 -6.90
C THR A 266 17.34 21.33 -8.36
N PRO A 280 0.25 39.14 -8.66
CA PRO A 280 0.22 37.69 -8.81
C PRO A 280 -1.08 37.17 -9.40
N THR A 281 -0.95 36.08 -10.13
CA THR A 281 -2.09 35.34 -10.63
C THR A 281 -2.89 34.81 -9.43
N GLU A 282 -2.19 34.55 -8.32
CA GLU A 282 -2.77 33.88 -7.14
C GLU A 282 -1.99 34.08 -5.82
N PHE A 283 -2.47 33.46 -4.75
CA PHE A 283 -1.71 33.36 -3.51
C PHE A 283 -2.11 32.08 -2.79
N ILE A 284 -1.23 31.60 -1.92
CA ILE A 284 -1.41 30.31 -1.29
C ILE A 284 -1.72 30.40 0.18
N SER A 285 -2.62 29.53 0.63
CA SER A 285 -2.99 29.48 2.02
C SER A 285 -2.97 28.06 2.55
N ARG A 286 -2.77 27.93 3.86
CA ARG A 286 -3.01 26.68 4.58
C ARG A 286 -4.14 26.94 5.55
N HIS A 287 -4.97 25.92 5.81
CA HIS A 287 -6.05 26.07 6.80
C HIS A 287 -6.13 24.88 7.75
N ASN A 288 -6.72 25.09 8.92
CA ASN A 288 -7.21 23.95 9.67
C ASN A 288 -8.50 23.52 8.96
N ILE A 289 -9.02 22.35 9.33
CA ILE A 289 -10.15 21.78 8.62
C ILE A 289 -11.46 22.56 8.80
N GLU A 290 -11.43 23.54 9.69
CA GLU A 290 -12.60 24.38 9.92
C GLU A 290 -12.71 25.52 8.90
N GLY A 291 -11.61 25.86 8.25
CA GLY A 291 -11.62 26.96 7.33
C GLY A 291 -10.86 28.17 7.85
N ILE A 292 -10.33 28.06 9.06
CA ILE A 292 -9.52 29.14 9.64
C ILE A 292 -8.19 29.28 8.90
N PHE A 293 -7.82 30.51 8.55
CA PHE A 293 -6.47 30.84 8.05
C PHE A 293 -5.31 30.64 9.03
N THR A 294 -4.37 29.75 8.71
CA THR A 294 -3.18 29.57 9.55
C THR A 294 -1.87 29.93 8.86
N PHE A 295 -1.93 30.24 7.56
CA PHE A 295 -0.73 30.65 6.83
C PHE A 295 -1.08 31.30 5.49
N VAL A 296 -0.49 32.46 5.20
CA VAL A 296 -0.69 33.17 3.92
C VAL A 296 0.59 33.80 3.35
N ASP A 297 0.84 33.65 2.06
CA ASP A 297 2.01 34.29 1.44
C ASP A 297 1.73 35.77 1.08
N HIS A 298 2.80 36.56 1.08
CA HIS A 298 2.75 38.02 0.87
C HIS A 298 1.92 38.49 -0.32
N ARG A 299 1.58 37.56 -1.20
CA ARG A 299 0.83 37.91 -2.39
C ARG A 299 -0.65 38.11 -2.13
N CYS A 300 -1.11 37.83 -0.92
CA CYS A 300 -2.50 38.11 -0.56
C CYS A 300 -2.78 39.59 -0.70
N VAL A 301 -1.83 40.38 -0.23
CA VAL A 301 -1.90 41.81 -0.33
C VAL A 301 -2.17 42.19 -1.77
N ALA A 302 -1.50 41.49 -2.67
CA ALA A 302 -1.63 41.75 -4.09
C ALA A 302 -2.93 41.14 -4.61
N THR A 303 -3.27 39.97 -4.10
CA THR A 303 -4.45 39.26 -4.57
C THR A 303 -5.73 39.82 -4.00
N VAL A 304 -5.76 40.08 -2.70
CA VAL A 304 -7.00 40.47 -2.05
C VAL A 304 -6.91 41.78 -1.28
N GLY A 305 -5.73 42.38 -1.24
CA GLY A 305 -5.61 43.67 -0.62
C GLY A 305 -5.45 43.60 0.87
N TYR A 306 -5.51 42.40 1.43
CA TYR A 306 -5.35 42.30 2.87
C TYR A 306 -3.94 42.10 3.31
N GLN A 307 -3.63 42.65 4.48
CA GLN A 307 -2.42 42.28 5.15
C GLN A 307 -2.65 40.91 5.69
N PRO A 308 -1.61 40.07 5.65
CA PRO A 308 -1.63 38.70 6.19
C PRO A 308 -2.34 38.62 7.55
N GLN A 309 -2.10 39.63 8.38
CA GLN A 309 -2.69 39.74 9.71
C GLN A 309 -4.20 39.84 9.66
N GLU A 310 -4.69 40.38 8.56
CA GLU A 310 -6.10 40.67 8.40
C GLU A 310 -6.87 39.45 7.97
N LEU A 311 -6.14 38.45 7.50
CA LEU A 311 -6.75 37.22 7.08
C LEU A 311 -6.51 36.18 8.14
N LEU A 312 -5.31 36.17 8.69
CA LEU A 312 -4.91 35.16 9.64
C LEU A 312 -5.86 35.11 10.81
N GLY A 313 -6.20 33.91 11.24
CA GLY A 313 -7.05 33.71 12.39
C GLY A 313 -8.55 33.78 12.17
N LYS A 314 -8.96 34.18 10.98
CA LYS A 314 -10.38 34.28 10.67
C LYS A 314 -10.79 33.15 9.73
N ASN A 315 -12.04 32.76 9.79
CA ASN A 315 -12.47 31.66 8.96
C ASN A 315 -12.60 32.10 7.53
N ILE A 316 -12.13 31.25 6.63
CA ILE A 316 -12.34 31.51 5.22
C ILE A 316 -13.82 31.77 4.95
N VAL A 317 -14.68 31.15 5.76
CA VAL A 317 -16.11 31.32 5.63
C VAL A 317 -16.48 32.77 5.87
N GLU A 318 -15.70 33.42 6.72
CA GLU A 318 -16.00 34.78 7.07
C GLU A 318 -15.72 35.71 5.94
N PHE A 319 -15.04 35.22 4.91
CA PHE A 319 -14.70 36.06 3.77
C PHE A 319 -15.52 35.78 2.53
N CYS A 320 -16.41 34.80 2.61
CA CYS A 320 -17.21 34.37 1.47
C CYS A 320 -18.60 35.01 1.44
N HIS A 321 -19.08 35.31 0.25
CA HIS A 321 -20.46 35.75 0.03
C HIS A 321 -21.47 34.72 0.52
N PRO A 322 -22.48 35.18 1.28
CA PRO A 322 -23.58 34.39 1.85
C PRO A 322 -24.14 33.38 0.88
N GLU A 323 -24.34 33.83 -0.35
CA GLU A 323 -24.97 33.01 -1.36
C GLU A 323 -24.03 31.92 -1.85
N ASP A 324 -22.76 32.02 -1.50
CA ASP A 324 -21.79 31.00 -1.88
C ASP A 324 -21.28 30.13 -0.75
N GLN A 325 -21.62 30.51 0.48
CA GLN A 325 -20.93 29.96 1.64
C GLN A 325 -21.07 28.46 1.80
N GLN A 326 -22.20 27.89 1.40
CA GLN A 326 -22.32 26.45 1.62
C GLN A 326 -21.45 25.72 0.63
N LEU A 327 -21.32 26.22 -0.59
CA LEU A 327 -20.43 25.58 -1.55
C LEU A 327 -19.04 25.52 -1.03
N LEU A 328 -18.66 26.56 -0.32
CA LEU A 328 -17.33 26.66 0.22
C LEU A 328 -17.22 25.61 1.31
N ARG A 329 -18.23 25.58 2.18
CA ARG A 329 -18.28 24.56 3.19
C ARG A 329 -18.44 23.20 2.53
N ASP A 330 -19.25 23.14 1.47
CA ASP A 330 -19.43 21.89 0.75
C ASP A 330 -18.10 21.43 0.29
N SER A 331 -17.37 22.36 -0.26
CA SER A 331 -16.05 22.08 -0.75
C SER A 331 -15.22 21.56 0.41
N PHE A 332 -15.31 22.23 1.54
CA PHE A 332 -14.49 21.85 2.68
C PHE A 332 -14.84 20.50 3.25
N GLN A 333 -16.11 20.13 3.21
CA GLN A 333 -16.50 18.85 3.76
C GLN A 333 -16.04 17.77 2.81
N GLN A 334 -15.95 18.13 1.54
CA GLN A 334 -15.62 17.16 0.53
C GLN A 334 -14.13 16.86 0.46
N VAL A 335 -13.29 17.90 0.51
CA VAL A 335 -11.85 17.69 0.32
C VAL A 335 -11.28 16.89 1.47
N VAL A 336 -11.88 17.06 2.64
CA VAL A 336 -11.52 16.30 3.80
C VAL A 336 -11.93 14.86 3.61
N LYS A 337 -13.17 14.69 3.18
CA LYS A 337 -13.76 13.38 3.01
C LYS A 337 -13.06 12.64 1.88
N LEU A 338 -12.73 13.39 0.83
CA LEU A 338 -12.04 12.83 -0.32
C LEU A 338 -10.55 13.07 -0.12
N LYS A 339 -10.09 12.64 1.05
CA LYS A 339 -8.74 12.78 1.56
C LYS A 339 -7.59 12.68 0.56
N GLY A 340 -6.72 13.68 0.61
CA GLY A 340 -5.50 13.70 -0.17
C GLY A 340 -5.68 14.47 -1.46
N GLN A 341 -6.87 14.35 -2.03
CA GLN A 341 -7.04 14.83 -3.39
C GLN A 341 -7.61 16.20 -3.43
N VAL A 342 -7.37 16.82 -4.57
CA VAL A 342 -7.68 18.20 -4.88
C VAL A 342 -9.13 18.36 -5.28
N LEU A 343 -9.71 19.48 -4.92
CA LEU A 343 -11.04 19.80 -5.38
C LEU A 343 -11.00 21.28 -5.61
N SER A 344 -11.69 21.74 -6.63
CA SER A 344 -11.62 23.16 -6.90
C SER A 344 -13.01 23.71 -6.68
N VAL A 345 -13.08 24.93 -6.18
CA VAL A 345 -14.36 25.57 -5.96
C VAL A 345 -14.23 27.07 -6.22
N MET A 346 -15.30 27.66 -6.73
CA MET A 346 -15.26 29.07 -7.10
C MET A 346 -16.24 29.92 -6.29
N PHE A 347 -15.79 31.08 -5.83
CA PHE A 347 -16.60 31.95 -4.98
C PHE A 347 -16.19 33.41 -5.04
N ARG A 348 -17.04 34.28 -4.50
CA ARG A 348 -16.80 35.72 -4.44
C ARG A 348 -16.07 36.10 -3.15
N PHE A 349 -14.90 36.69 -3.28
CA PHE A 349 -14.14 37.07 -2.09
C PHE A 349 -14.29 38.59 -1.86
N ARG A 350 -14.46 39.02 -0.61
CA ARG A 350 -14.56 40.45 -0.34
C ARG A 350 -13.17 41.07 -0.15
N SER A 351 -12.76 41.83 -1.15
CA SER A 351 -11.52 42.60 -1.09
C SER A 351 -11.43 43.49 0.15
N LYS A 352 -10.25 44.03 0.39
CA LYS A 352 -10.04 45.05 1.41
C LYS A 352 -10.93 46.26 1.13
N THR A 353 -11.21 46.54 -0.14
CA THR A 353 -12.09 47.63 -0.55
C THR A 353 -13.55 47.24 -0.63
N ARG A 354 -13.86 46.06 -0.12
CA ARG A 354 -15.19 45.51 0.00
C ARG A 354 -15.84 44.95 -1.27
N GLU A 355 -15.35 45.30 -2.46
CA GLU A 355 -15.93 44.76 -3.69
C GLU A 355 -15.80 43.24 -3.83
N TRP A 356 -16.84 42.59 -4.34
CA TRP A 356 -16.92 41.14 -4.43
C TRP A 356 -16.08 40.61 -5.59
N LEU A 357 -15.09 39.77 -5.24
CA LEU A 357 -14.14 39.25 -6.22
C LEU A 357 -14.30 37.80 -6.57
N TRP A 358 -14.49 37.51 -7.84
CA TRP A 358 -14.53 36.13 -8.25
C TRP A 358 -13.20 35.43 -8.07
N MET A 359 -13.25 34.30 -7.40
CA MET A 359 -12.07 33.54 -7.07
C MET A 359 -12.28 32.05 -7.25
N ARG A 360 -11.26 31.38 -7.71
CA ARG A 360 -11.26 29.93 -7.79
C ARG A 360 -10.19 29.50 -6.85
N THR A 361 -10.48 28.59 -5.95
CA THR A 361 -9.38 28.00 -5.22
C THR A 361 -9.40 26.52 -5.43
N SER A 362 -8.25 25.97 -5.73
CA SER A 362 -8.12 24.53 -5.81
C SER A 362 -7.33 24.15 -4.60
N SER A 363 -7.79 23.13 -3.91
CA SER A 363 -7.17 22.78 -2.65
C SER A 363 -7.18 21.30 -2.44
N PHE A 364 -6.34 20.84 -1.55
CA PHE A 364 -6.32 19.44 -1.19
C PHE A 364 -5.91 19.28 0.25
N THR A 365 -6.22 18.13 0.78
CA THR A 365 -5.87 17.85 2.15
C THR A 365 -4.42 17.38 2.22
N PHE A 366 -3.74 17.75 3.30
CA PHE A 366 -2.34 17.36 3.50
C PHE A 366 -2.19 16.47 4.74
N GLN A 367 -1.75 15.23 4.55
CA GLN A 367 -1.71 14.26 5.63
C GLN A 367 -0.30 13.94 6.08
N ASN A 368 -0.14 13.64 7.37
CA ASN A 368 1.16 13.31 7.93
C ASN A 368 1.69 12.00 7.39
N PRO A 369 2.92 12.02 6.87
CA PRO A 369 3.53 10.87 6.21
C PRO A 369 3.66 9.69 7.15
N TYR A 370 3.75 9.97 8.44
CA TYR A 370 3.87 8.89 9.38
C TYR A 370 2.50 8.46 9.84
N SER A 371 1.79 9.40 10.45
CA SER A 371 0.49 9.13 11.06
C SER A 371 -0.71 9.18 10.11
N ASP A 372 -0.59 9.88 8.99
CA ASP A 372 -1.73 10.11 8.08
C ASP A 372 -2.81 10.92 8.78
N GLU A 373 -2.43 11.56 9.89
CA GLU A 373 -3.31 12.57 10.46
C GLU A 373 -3.30 13.71 9.46
N ILE A 374 -4.41 14.43 9.36
CA ILE A 374 -4.45 15.59 8.49
C ILE A 374 -3.74 16.73 9.16
N GLU A 375 -2.68 17.18 8.53
CA GLU A 375 -1.89 18.26 9.08
C GLU A 375 -2.62 19.58 8.94
N TYR A 376 -3.20 19.78 7.76
CA TYR A 376 -3.93 20.98 7.43
C TYR A 376 -4.44 20.87 5.99
N ILE A 377 -5.31 21.76 5.61
CA ILE A 377 -5.71 21.84 4.21
C ILE A 377 -4.86 22.85 3.47
N ILE A 378 -4.38 22.47 2.31
CA ILE A 378 -3.62 23.40 1.50
C ILE A 378 -4.44 23.95 0.36
N CYS A 379 -4.50 25.26 0.25
CA CYS A 379 -5.31 25.89 -0.79
C CYS A 379 -4.53 26.71 -1.73
N THR A 380 -4.94 26.67 -2.98
CA THR A 380 -4.43 27.61 -3.93
C THR A 380 -5.55 28.49 -4.42
N ASN A 381 -5.44 29.77 -4.11
CA ASN A 381 -6.54 30.68 -4.30
C ASN A 381 -6.26 31.68 -5.41
N THR A 382 -6.87 31.45 -6.58
CA THR A 382 -6.52 32.21 -7.78
C THR A 382 -7.53 33.24 -8.17
N ASN A 383 -7.07 34.49 -8.26
CA ASN A 383 -7.93 35.54 -8.76
C ASN A 383 -8.39 35.23 -10.15
N VAL A 384 -9.70 35.18 -10.29
CA VAL A 384 -10.32 34.94 -11.57
C VAL A 384 -10.52 36.30 -12.22
N ARG B 25 53.68 -22.56 -16.68
CA ARG B 25 53.49 -23.46 -15.54
C ARG B 25 52.90 -22.66 -14.37
N ARG B 26 52.31 -23.39 -13.43
CA ARG B 26 51.68 -22.86 -12.22
C ARG B 26 52.64 -21.91 -11.52
N SER B 27 53.85 -22.40 -11.25
CA SER B 27 54.95 -21.59 -10.73
C SER B 27 55.09 -20.30 -11.55
N LYS B 28 55.18 -20.48 -12.85
CA LYS B 28 55.44 -19.40 -13.81
C LYS B 28 54.28 -18.41 -13.96
N GLU B 29 53.09 -18.83 -13.56
CA GLU B 29 51.91 -17.94 -13.54
C GLU B 29 51.84 -17.22 -12.23
N THR B 30 52.19 -17.94 -11.17
CA THR B 30 52.16 -17.40 -9.83
C THR B 30 53.15 -16.25 -9.75
N GLU B 31 54.14 -16.26 -10.65
CA GLU B 31 55.15 -15.23 -10.68
C GLU B 31 54.57 -13.95 -11.24
N VAL B 32 53.90 -14.06 -12.38
CA VAL B 32 53.32 -12.88 -12.99
C VAL B 32 52.09 -12.36 -12.25
N PHE B 33 51.39 -13.23 -11.55
CA PHE B 33 50.29 -12.76 -10.73
C PHE B 33 50.74 -11.80 -9.65
N TYR B 34 51.89 -12.11 -9.07
CA TYR B 34 52.52 -11.27 -8.08
C TYR B 34 52.99 -10.01 -8.77
N GLU B 35 53.45 -10.16 -10.02
CA GLU B 35 54.02 -9.05 -10.78
C GLU B 35 52.87 -8.10 -11.05
N LEU B 36 51.72 -8.69 -11.28
CA LEU B 36 50.53 -7.94 -11.60
C LEU B 36 49.97 -7.23 -10.37
N ALA B 37 49.90 -7.96 -9.25
CA ALA B 37 49.39 -7.40 -8.00
C ALA B 37 50.22 -6.20 -7.53
N HIS B 38 51.52 -6.30 -7.55
CA HIS B 38 52.35 -5.20 -7.11
C HIS B 38 52.36 -3.99 -8.04
N GLU B 39 51.86 -4.18 -9.26
CA GLU B 39 51.86 -3.08 -10.21
C GLU B 39 50.44 -2.59 -10.35
N LEU B 40 49.57 -3.19 -9.55
CA LEU B 40 48.26 -2.64 -9.32
C LEU B 40 48.48 -1.40 -8.53
N PRO B 41 47.62 -0.42 -8.72
CA PRO B 41 47.85 0.79 -7.93
C PRO B 41 47.57 0.48 -6.47
N LEU B 42 48.42 -0.33 -5.84
CA LEU B 42 48.21 -0.71 -4.45
C LEU B 42 49.50 -0.92 -3.65
N PRO B 43 49.39 -0.82 -2.34
CA PRO B 43 50.53 -1.00 -1.43
C PRO B 43 51.16 -2.33 -1.69
N HIS B 44 52.47 -2.44 -1.58
CA HIS B 44 53.08 -3.71 -1.84
C HIS B 44 52.34 -4.61 -0.88
N SER B 45 52.08 -4.09 0.31
CA SER B 45 51.37 -4.87 1.31
C SER B 45 50.10 -5.57 0.84
N VAL B 46 49.15 -4.78 0.34
CA VAL B 46 47.83 -5.31 0.00
C VAL B 46 47.88 -6.00 -1.34
N SER B 47 48.58 -5.37 -2.27
CA SER B 47 48.92 -6.00 -3.52
C SER B 47 49.37 -7.46 -3.25
N SER B 48 50.21 -7.68 -2.25
CA SER B 48 50.71 -9.01 -1.96
C SER B 48 49.73 -10.11 -1.51
N HIS B 49 48.57 -9.75 -0.99
CA HIS B 49 47.66 -10.76 -0.43
C HIS B 49 46.52 -11.24 -1.30
N LEU B 50 46.40 -10.67 -2.49
CA LEU B 50 45.30 -10.98 -3.40
C LEU B 50 45.24 -12.42 -3.88
N ASP B 51 44.05 -13.01 -3.89
CA ASP B 51 43.90 -14.21 -4.71
C ASP B 51 43.87 -13.71 -6.15
N LYS B 52 43.73 -14.62 -7.09
CA LYS B 52 43.94 -14.22 -8.46
C LYS B 52 42.69 -13.60 -9.09
N ALA B 53 41.54 -14.04 -8.61
CA ALA B 53 40.27 -13.48 -9.09
C ALA B 53 40.24 -11.99 -8.86
N SER B 54 40.67 -11.59 -7.66
CA SER B 54 40.72 -10.19 -7.25
C SER B 54 41.71 -9.37 -8.09
N ILE B 55 42.89 -9.93 -8.34
CA ILE B 55 43.89 -9.26 -9.17
C ILE B 55 43.26 -8.94 -10.52
N MET B 56 42.50 -9.89 -11.06
CA MET B 56 41.69 -9.60 -12.23
C MET B 56 40.78 -8.44 -12.00
N ARG B 57 39.85 -8.55 -11.06
CA ARG B 57 38.85 -7.53 -10.87
C ARG B 57 39.41 -6.14 -10.62
N LEU B 58 40.54 -6.08 -9.93
CA LEU B 58 41.11 -4.78 -9.59
C LEU B 58 41.87 -4.17 -10.76
N ALA B 59 42.60 -5.01 -11.46
CA ALA B 59 43.30 -4.58 -12.65
C ALA B 59 42.29 -4.14 -13.68
N ILE B 60 41.33 -5.01 -13.94
CA ILE B 60 40.30 -4.75 -14.90
C ILE B 60 39.66 -3.40 -14.60
N SER B 61 39.26 -3.22 -13.35
CA SER B 61 38.51 -2.03 -12.99
C SER B 61 39.36 -0.79 -13.11
N PHE B 62 40.65 -0.95 -12.87
CA PHE B 62 41.59 0.15 -13.04
C PHE B 62 41.63 0.62 -14.49
N LEU B 63 41.54 -0.31 -15.42
CA LEU B 63 41.56 0.05 -16.82
C LEU B 63 40.20 0.58 -17.20
N ARG B 64 39.16 -0.04 -16.66
CA ARG B 64 37.80 0.39 -16.92
C ARG B 64 37.65 1.82 -16.45
N THR B 65 38.19 2.05 -15.27
CA THR B 65 38.12 3.34 -14.63
C THR B 65 38.80 4.36 -15.52
N HIS B 66 40.04 4.03 -15.89
CA HIS B 66 40.89 4.93 -16.64
C HIS B 66 40.25 5.34 -17.95
N LYS B 67 39.33 4.52 -18.43
CA LYS B 67 38.65 4.79 -19.67
C LYS B 67 37.50 5.77 -19.49
N LEU B 68 36.80 5.70 -18.37
CA LEU B 68 35.75 6.68 -18.11
C LEU B 68 36.29 8.09 -17.97
N LEU B 69 37.40 8.19 -17.25
CA LEU B 69 38.01 9.47 -16.91
C LEU B 69 38.49 10.34 -18.06
N SER B 70 39.09 9.73 -19.07
CA SER B 70 39.60 10.50 -20.19
C SER B 70 38.44 11.12 -20.93
N SER B 71 37.30 10.44 -20.88
CA SER B 71 36.07 10.94 -21.45
C SER B 71 35.54 12.18 -20.75
N VAL B 72 35.87 12.34 -19.47
CA VAL B 72 35.32 13.47 -18.73
C VAL B 72 36.21 14.72 -18.88
N CYS B 73 37.53 14.53 -18.82
CA CYS B 73 38.49 15.64 -18.72
C CYS B 73 38.78 16.39 -20.01
N SER B 74 38.62 15.70 -21.12
CA SER B 74 39.01 16.26 -22.39
C SER B 74 38.08 17.40 -22.78
N MET B 86 49.02 14.66 -3.94
CA MET B 86 48.27 15.22 -2.83
C MET B 86 46.84 14.72 -2.83
N ASP B 87 46.70 13.47 -3.24
CA ASP B 87 45.45 12.75 -3.21
C ASP B 87 45.09 12.49 -1.75
N ASN B 88 46.12 12.18 -0.96
CA ASN B 88 45.95 11.85 0.46
C ASN B 88 45.16 12.95 1.13
N LEU B 89 45.28 14.14 0.56
CA LEU B 89 44.54 15.31 0.99
C LEU B 89 43.10 15.14 0.67
N TYR B 90 42.84 15.06 -0.64
CA TYR B 90 41.51 14.91 -1.17
C TYR B 90 40.82 13.76 -0.46
N LEU B 91 41.54 12.68 -0.27
CA LEU B 91 40.98 11.52 0.38
C LEU B 91 40.62 11.81 1.81
N LYS B 92 41.39 12.68 2.44
CA LYS B 92 41.17 12.92 3.85
C LYS B 92 40.18 14.05 4.09
N ALA B 93 40.00 14.92 3.11
CA ALA B 93 39.04 16.01 3.23
C ALA B 93 37.61 15.51 3.02
N LEU B 94 37.50 14.41 2.30
CA LEU B 94 36.24 13.75 2.01
C LEU B 94 35.50 13.29 3.25
N GLU B 95 34.19 13.45 3.25
CA GLU B 95 33.39 12.96 4.35
C GLU B 95 32.66 11.75 3.78
N GLY B 96 33.23 11.14 2.73
CA GLY B 96 32.52 10.07 2.06
C GLY B 96 33.44 9.40 1.08
N PHE B 97 32.90 8.50 0.28
CA PHE B 97 33.69 7.85 -0.75
C PHE B 97 33.02 8.00 -2.11
N ILE B 98 33.82 7.88 -3.17
CA ILE B 98 33.33 7.99 -4.55
C ILE B 98 33.05 6.65 -5.20
N ALA B 99 31.91 6.53 -5.86
CA ALA B 99 31.66 5.33 -6.64
C ALA B 99 31.17 5.64 -8.04
N VAL B 100 31.63 4.84 -9.00
CA VAL B 100 31.03 4.85 -10.31
C VAL B 100 30.49 3.48 -10.57
N VAL B 101 29.23 3.43 -10.96
CA VAL B 101 28.51 2.20 -11.15
C VAL B 101 27.81 2.21 -12.49
N THR B 102 27.89 1.06 -13.17
CA THR B 102 27.28 0.84 -14.48
C THR B 102 25.76 0.74 -14.39
N GLN B 103 25.08 0.96 -15.52
CA GLN B 103 23.63 0.94 -15.53
C GLN B 103 23.08 -0.40 -15.04
N ASP B 104 23.89 -1.45 -15.14
CA ASP B 104 23.46 -2.78 -14.73
C ASP B 104 23.88 -3.13 -13.29
N GLY B 105 24.63 -2.24 -12.65
CA GLY B 105 24.89 -2.38 -11.23
C GLY B 105 26.29 -2.74 -10.78
N ASP B 106 27.18 -2.95 -11.73
CA ASP B 106 28.53 -3.34 -11.34
C ASP B 106 29.28 -2.16 -10.79
N MET B 107 29.97 -2.38 -9.67
CA MET B 107 30.74 -1.31 -9.05
C MET B 107 32.15 -1.34 -9.60
N ILE B 108 32.38 -0.59 -10.67
CA ILE B 108 33.67 -0.66 -11.37
C ILE B 108 34.75 0.23 -10.78
N PHE B 109 34.38 1.16 -9.90
CA PHE B 109 35.39 1.84 -9.09
C PHE B 109 34.85 2.33 -7.77
N LEU B 110 35.67 2.20 -6.73
CA LEU B 110 35.37 2.64 -5.37
C LEU B 110 36.59 3.26 -4.71
N SER B 111 36.52 4.54 -4.35
CA SER B 111 37.69 5.24 -3.82
C SER B 111 38.27 4.56 -2.58
N GLU B 112 39.51 4.88 -2.26
CA GLU B 112 40.22 4.09 -1.28
C GLU B 112 39.66 4.16 0.15
N ASN B 113 39.16 5.31 0.56
CA ASN B 113 38.84 5.52 1.98
C ASN B 113 37.49 4.96 2.43
N ILE B 114 36.81 4.23 1.55
CA ILE B 114 35.49 3.68 1.89
C ILE B 114 35.52 2.78 3.12
N SER B 115 36.62 2.06 3.29
CA SER B 115 36.79 1.14 4.40
C SER B 115 36.56 1.91 5.67
N LYS B 116 37.05 3.14 5.65
CA LYS B 116 36.85 4.06 6.74
C LYS B 116 35.36 4.23 7.04
N PHE B 117 34.52 4.18 6.02
CA PHE B 117 33.11 4.40 6.29
C PHE B 117 32.29 3.13 6.35
N MET B 118 32.57 2.17 5.49
CA MET B 118 31.67 1.04 5.40
C MET B 118 32.30 -0.19 5.97
N GLY B 119 33.53 -0.05 6.42
CA GLY B 119 34.29 -1.20 6.88
C GLY B 119 34.84 -1.96 5.70
N LEU B 120 33.95 -2.36 4.79
CA LEU B 120 34.33 -3.03 3.55
C LEU B 120 35.37 -2.23 2.78
N THR B 121 36.39 -2.90 2.22
CA THR B 121 37.48 -2.20 1.52
C THR B 121 37.27 -2.18 0.00
N GLN B 122 38.01 -1.29 -0.66
CA GLN B 122 37.98 -1.15 -2.12
C GLN B 122 38.11 -2.49 -2.82
N VAL B 123 39.11 -3.26 -2.40
CA VAL B 123 39.40 -4.57 -2.96
C VAL B 123 38.22 -5.56 -2.88
N GLU B 124 37.56 -5.53 -1.73
CA GLU B 124 36.52 -6.50 -1.38
C GLU B 124 35.27 -6.38 -2.26
N LEU B 125 35.05 -5.17 -2.77
CA LEU B 125 33.80 -4.86 -3.45
C LEU B 125 33.96 -4.65 -4.94
N THR B 126 35.11 -4.15 -5.33
CA THR B 126 35.38 -3.78 -6.70
C THR B 126 34.98 -4.88 -7.68
N GLY B 127 34.25 -4.51 -8.71
CA GLY B 127 33.86 -5.47 -9.71
C GLY B 127 32.64 -6.28 -9.33
N HIS B 128 32.13 -6.11 -8.12
CA HIS B 128 30.92 -6.84 -7.76
C HIS B 128 29.69 -5.98 -8.01
N SER B 129 28.52 -6.57 -7.87
CA SER B 129 27.28 -5.83 -8.10
C SER B 129 26.91 -5.00 -6.90
N ILE B 130 26.53 -3.77 -7.14
CA ILE B 130 26.06 -2.94 -6.05
C ILE B 130 24.90 -3.59 -5.33
N PHE B 131 24.10 -4.34 -6.07
CA PHE B 131 22.87 -4.85 -5.53
C PHE B 131 23.24 -5.96 -4.54
N ASP B 132 24.50 -6.38 -4.56
CA ASP B 132 24.92 -7.44 -3.65
C ASP B 132 25.31 -6.85 -2.33
N PHE B 133 25.12 -5.55 -2.18
CA PHE B 133 25.52 -4.92 -0.94
C PHE B 133 24.56 -3.82 -0.52
N THR B 134 23.37 -3.82 -1.10
CA THR B 134 22.40 -2.81 -0.72
C THR B 134 21.07 -3.44 -0.37
N HIS B 135 20.34 -2.75 0.49
CA HIS B 135 19.06 -3.22 0.95
C HIS B 135 18.15 -3.40 -0.25
N PRO B 136 17.62 -4.61 -0.41
CA PRO B 136 16.75 -5.02 -1.51
C PRO B 136 15.58 -4.08 -1.70
N CYS B 137 15.18 -3.46 -0.60
CA CYS B 137 14.09 -2.52 -0.62
C CYS B 137 14.51 -1.23 -1.36
N ASP B 138 15.80 -1.15 -1.68
CA ASP B 138 16.34 0.02 -2.37
C ASP B 138 16.85 -0.32 -3.77
N HIS B 139 16.88 -1.60 -4.08
CA HIS B 139 17.46 -2.07 -5.32
C HIS B 139 16.72 -1.45 -6.48
N GLU B 140 15.42 -1.39 -6.33
CA GLU B 140 14.58 -0.89 -7.38
C GLU B 140 14.92 0.57 -7.60
N GLU B 141 15.07 1.28 -6.50
CA GLU B 141 15.43 2.68 -6.50
C GLU B 141 16.79 2.94 -7.10
N ILE B 142 17.75 2.15 -6.69
CA ILE B 142 19.06 2.24 -7.26
C ILE B 142 19.01 2.02 -8.76
N ARG B 143 18.30 0.98 -9.16
CA ARG B 143 18.16 0.64 -10.57
C ARG B 143 17.73 1.83 -11.39
N GLU B 144 16.78 2.57 -10.87
CA GLU B 144 16.26 3.64 -11.65
C GLU B 144 17.12 4.87 -11.56
N ASN B 145 18.04 4.88 -10.61
CA ASN B 145 18.96 6.00 -10.60
C ASN B 145 20.13 5.73 -11.49
N LEU B 146 20.33 4.46 -11.77
CA LEU B 146 21.40 4.00 -12.64
C LEU B 146 21.00 4.27 -14.07
N THR B 147 19.69 4.35 -14.26
CA THR B 147 19.11 4.37 -15.55
C THR B 147 18.83 5.81 -15.95
N LEU B 148 18.95 6.09 -17.25
CA LEU B 148 18.58 7.37 -17.86
C LEU B 148 19.10 8.60 -17.10
N VAL B 161 15.90 13.19 -19.25
CA VAL B 161 17.23 12.92 -19.79
C VAL B 161 18.28 13.66 -18.95
N SER B 162 17.87 14.15 -17.78
CA SER B 162 18.80 14.81 -16.88
C SER B 162 19.82 13.83 -16.32
N THR B 163 21.03 14.31 -16.13
CA THR B 163 22.08 13.41 -15.78
C THR B 163 22.25 13.38 -14.30
N GLU B 164 21.62 14.31 -13.62
CA GLU B 164 21.90 14.53 -12.23
C GLU B 164 21.21 13.51 -11.38
N ARG B 165 21.83 13.16 -10.26
CA ARG B 165 21.31 12.14 -9.36
C ARG B 165 21.55 12.50 -7.89
N ASP B 166 20.49 12.39 -7.07
CA ASP B 166 20.60 12.61 -5.62
C ASP B 166 19.61 11.78 -4.82
N PHE B 167 20.14 10.86 -4.03
CA PHE B 167 19.31 9.95 -3.28
C PHE B 167 20.06 9.37 -2.10
N PHE B 168 19.33 8.60 -1.30
CA PHE B 168 19.85 7.97 -0.10
C PHE B 168 19.84 6.45 -0.26
N MET B 169 20.89 5.77 0.18
CA MET B 169 20.92 4.32 0.05
C MET B 169 21.45 3.60 1.29
N ARG B 170 20.80 2.49 1.65
CA ARG B 170 21.28 1.67 2.74
C ARG B 170 22.34 0.71 2.22
N MET B 171 23.57 0.90 2.67
CA MET B 171 24.62 -0.03 2.31
C MET B 171 25.28 -0.66 3.55
N LYS B 172 25.61 -1.94 3.43
CA LYS B 172 26.28 -2.72 4.45
C LYS B 172 27.56 -2.05 5.01
N CYS B 173 27.67 -2.04 6.33
CA CYS B 173 28.82 -1.47 7.01
C CYS B 173 29.32 -2.45 8.07
N THR B 174 30.62 -2.71 8.03
CA THR B 174 31.23 -3.62 8.98
C THR B 174 32.36 -2.97 9.75
N VAL B 175 32.19 -1.71 10.09
CA VAL B 175 33.07 -1.06 11.04
C VAL B 175 32.15 -0.49 12.10
N THR B 176 32.57 -0.61 13.36
CA THR B 176 31.73 -0.20 14.47
C THR B 176 31.83 1.27 14.78
N ASN B 177 30.75 1.80 15.33
CA ASN B 177 30.80 3.09 15.94
C ASN B 177 31.97 3.05 16.87
N ARG B 178 32.86 4.04 16.71
CA ARG B 178 34.14 4.16 17.45
C ARG B 178 35.37 3.24 17.11
N GLY B 179 35.68 2.98 15.83
CA GLY B 179 36.79 2.09 15.49
C GLY B 179 36.63 0.67 14.98
N ARG B 180 36.07 -0.19 15.80
CA ARG B 180 36.22 -1.63 15.60
C ARG B 180 35.54 -2.16 14.36
N THR B 181 35.59 -3.48 14.19
CA THR B 181 35.16 -4.11 12.95
C THR B 181 34.35 -5.41 13.22
N VAL B 182 33.48 -5.82 12.28
CA VAL B 182 32.64 -7.04 12.41
C VAL B 182 32.71 -8.00 11.20
N ASN B 183 32.15 -9.21 11.30
CA ASN B 183 32.11 -10.07 10.13
C ASN B 183 30.89 -9.74 9.26
N LEU B 184 30.94 -10.19 8.00
CA LEU B 184 29.94 -9.86 6.99
C LEU B 184 28.52 -10.29 7.36
N LYS B 185 28.42 -11.20 8.31
CA LYS B 185 27.13 -11.74 8.72
C LYS B 185 26.65 -10.81 9.79
N SER B 186 27.63 -10.17 10.41
CA SER B 186 27.38 -9.25 11.48
C SER B 186 27.42 -7.86 10.91
N ALA B 187 26.76 -7.68 9.79
CA ALA B 187 26.72 -6.38 9.15
C ALA B 187 25.51 -5.57 9.57
N THR B 188 25.71 -4.27 9.68
CA THR B 188 24.67 -3.32 9.95
C THR B 188 24.27 -2.60 8.67
N TRP B 189 23.04 -2.10 8.58
CA TRP B 189 22.63 -1.29 7.43
C TRP B 189 23.03 0.16 7.69
N LYS B 190 23.74 0.78 6.75
CA LYS B 190 24.12 2.18 6.88
C LYS B 190 23.55 2.99 5.74
N VAL B 191 22.85 4.08 6.07
CA VAL B 191 22.35 4.98 5.04
C VAL B 191 23.43 5.92 4.55
N LEU B 192 23.54 6.00 3.23
CA LEU B 192 24.48 6.88 2.57
C LEU B 192 23.74 7.88 1.70
N HIS B 193 24.09 9.14 1.82
CA HIS B 193 23.59 10.15 0.90
C HIS B 193 24.38 10.19 -0.37
N CYS B 194 23.73 9.86 -1.49
CA CYS B 194 24.40 9.84 -2.79
C CYS B 194 24.04 10.97 -3.74
N THR B 195 25.06 11.70 -4.19
CA THR B 195 24.91 12.76 -5.18
C THR B 195 25.92 12.61 -6.32
N GLY B 196 25.48 12.77 -7.56
CA GLY B 196 26.38 12.76 -8.69
C GLY B 196 25.60 12.90 -9.98
N GLN B 197 26.09 12.25 -11.04
CA GLN B 197 25.45 12.31 -12.34
C GLN B 197 25.48 10.96 -13.05
N VAL B 198 24.44 10.67 -13.81
CA VAL B 198 24.44 9.50 -14.67
C VAL B 198 25.01 10.02 -15.98
N ARG B 199 25.82 9.21 -16.63
CA ARG B 199 26.61 9.68 -17.75
C ARG B 199 26.97 8.56 -18.70
N VAL B 200 26.95 8.87 -19.98
CA VAL B 200 27.29 7.89 -20.99
C VAL B 200 28.80 7.55 -20.96
N LEU B 218 26.29 1.98 -23.09
CA LEU B 218 26.88 1.86 -21.76
C LEU B 218 26.89 3.19 -21.02
N SER B 219 26.30 3.17 -19.83
CA SER B 219 26.18 4.36 -19.00
C SER B 219 26.98 4.16 -17.75
N CYS B 220 27.15 5.21 -16.97
CA CYS B 220 27.76 5.09 -15.67
C CYS B 220 27.10 6.05 -14.71
N LEU B 221 27.11 5.69 -13.44
CA LEU B 221 26.59 6.59 -12.45
C LEU B 221 27.76 6.97 -11.58
N ILE B 222 28.02 8.26 -11.49
CA ILE B 222 29.19 8.73 -10.79
C ILE B 222 28.72 9.52 -9.61
N ILE B 223 28.87 8.93 -8.44
CA ILE B 223 28.26 9.48 -7.25
C ILE B 223 29.21 9.60 -6.11
N MET B 224 28.88 10.52 -5.22
CA MET B 224 29.51 10.60 -3.93
C MET B 224 28.60 10.08 -2.82
N CYS B 225 29.12 9.21 -1.97
CA CYS B 225 28.31 8.62 -0.92
C CYS B 225 28.80 9.05 0.42
N GLU B 226 27.98 9.85 1.09
CA GLU B 226 28.30 10.36 2.40
C GLU B 226 27.44 9.68 3.44
N PRO B 227 28.08 9.21 4.51
CA PRO B 227 27.34 8.73 5.66
C PRO B 227 26.75 9.92 6.37
N ILE B 228 25.69 9.70 7.13
CA ILE B 228 25.06 10.76 7.87
C ILE B 228 25.51 10.57 9.32
N GLN B 229 26.15 11.57 9.91
CA GLN B 229 26.76 11.35 11.21
C GLN B 229 25.64 11.14 12.20
N HIS B 230 25.80 10.10 13.01
CA HIS B 230 24.77 9.72 13.96
C HIS B 230 24.79 10.65 15.14
N PRO B 231 23.62 11.15 15.55
CA PRO B 231 23.50 12.14 16.62
C PRO B 231 24.04 11.65 17.97
N SER B 232 23.97 10.35 18.23
CA SER B 232 24.51 9.82 19.48
C SER B 232 26.01 9.58 19.39
N HIS B 233 26.56 9.66 18.18
CA HIS B 233 27.96 9.36 17.92
C HIS B 233 28.61 10.49 17.13
N MET B 234 29.14 11.50 17.79
CA MET B 234 29.70 12.61 17.02
C MET B 234 31.20 12.86 17.11
N ASP B 235 31.85 12.59 16.00
CA ASP B 235 33.24 12.92 15.81
C ASP B 235 33.38 14.41 15.64
N ILE B 236 32.33 15.01 15.08
CA ILE B 236 32.44 16.36 14.53
C ILE B 236 31.84 17.50 15.37
N PRO B 237 32.63 18.59 15.49
CA PRO B 237 32.35 19.91 16.07
C PRO B 237 31.09 20.59 15.56
N LEU B 238 30.32 21.18 16.47
CA LEU B 238 29.17 22.01 16.16
C LEU B 238 29.29 23.49 16.56
N ASP B 239 28.87 24.37 15.67
CA ASP B 239 28.94 25.80 15.90
C ASP B 239 27.64 26.39 16.46
N SER B 240 27.55 27.72 16.45
CA SER B 240 26.44 28.43 17.04
C SER B 240 25.14 28.14 16.35
N LYS B 241 25.23 28.20 15.02
CA LYS B 241 24.06 28.20 14.17
C LYS B 241 23.43 26.82 13.98
N THR B 242 23.51 26.00 15.01
CA THR B 242 22.98 24.66 14.93
C THR B 242 22.23 24.44 16.20
N PHE B 243 21.11 23.78 16.10
CA PHE B 243 20.40 23.40 17.30
C PHE B 243 19.79 22.01 17.16
N LEU B 244 19.50 21.39 18.30
CA LEU B 244 18.97 20.04 18.34
C LEU B 244 17.49 20.02 18.62
N SER B 245 16.83 19.00 18.14
CA SER B 245 15.42 18.84 18.44
C SER B 245 15.08 17.38 18.44
N ARG B 246 14.00 17.03 19.11
CA ARG B 246 13.57 15.65 19.14
C ARG B 246 12.14 15.64 18.68
N HIS B 247 11.75 14.55 18.04
CA HIS B 247 10.43 14.49 17.53
C HIS B 247 9.83 13.15 17.77
N SER B 248 8.52 13.12 17.78
CA SER B 248 7.84 11.86 17.64
C SER B 248 8.00 11.47 16.21
N MET B 249 7.46 10.31 15.85
CA MET B 249 7.67 9.80 14.50
C MET B 249 6.91 10.59 13.47
N ASP B 250 5.94 11.35 13.94
CA ASP B 250 5.13 12.18 13.06
C ASP B 250 5.71 13.59 13.09
N MET B 251 6.93 13.66 13.60
CA MET B 251 7.75 14.86 13.56
C MET B 251 7.23 15.95 14.48
N LYS B 252 6.43 15.60 15.47
CA LYS B 252 6.00 16.60 16.42
C LYS B 252 7.15 16.79 17.36
N PHE B 253 7.38 18.02 17.76
CA PHE B 253 8.40 18.29 18.72
C PHE B 253 8.10 17.65 20.02
N THR B 254 9.09 16.94 20.50
CA THR B 254 9.04 16.31 21.78
C THR B 254 10.18 16.89 22.60
N TYR B 255 11.12 17.57 21.94
CA TYR B 255 12.12 18.35 22.65
C TYR B 255 12.73 19.39 21.73
N CYS B 256 13.11 20.53 22.30
CA CYS B 256 13.92 21.48 21.56
C CYS B 256 14.88 22.22 22.50
N ASP B 257 16.12 22.35 22.08
CA ASP B 257 17.16 22.92 22.94
C ASP B 257 17.06 24.44 23.03
N ASP B 258 17.63 25.01 24.09
CA ASP B 258 17.54 26.44 24.35
C ASP B 258 18.10 27.31 23.23
N ARG B 259 18.88 26.74 22.33
CA ARG B 259 19.49 27.62 21.34
C ARG B 259 18.47 28.06 20.31
N ILE B 260 17.35 27.37 20.24
CA ILE B 260 16.32 27.74 19.27
C ILE B 260 15.82 29.15 19.55
N LEU B 261 15.70 29.50 20.82
CA LEU B 261 15.23 30.79 21.22
C LEU B 261 16.07 31.87 20.62
N GLU B 262 17.37 31.72 20.76
CA GLU B 262 18.26 32.72 20.30
C GLU B 262 18.19 32.72 18.79
N LEU B 263 18.13 31.53 18.22
CA LEU B 263 18.28 31.40 16.79
C LEU B 263 17.02 31.83 16.02
N ILE B 264 15.83 31.52 16.54
CA ILE B 264 14.60 31.77 15.80
C ILE B 264 13.51 32.48 16.63
N GLY B 265 13.67 32.48 17.95
CA GLY B 265 12.77 33.25 18.79
C GLY B 265 11.76 32.44 19.56
N TYR B 266 11.73 31.13 19.35
CA TYR B 266 10.75 30.31 20.05
C TYR B 266 11.26 29.77 21.38
N HIS B 267 10.37 29.65 22.36
CA HIS B 267 10.64 28.84 23.56
C HIS B 267 10.31 27.39 23.33
N PRO B 268 11.13 26.49 23.88
CA PRO B 268 10.85 25.07 23.66
C PRO B 268 9.42 24.76 24.06
N GLU B 269 8.97 25.32 25.16
CA GLU B 269 7.62 25.08 25.63
C GLU B 269 6.63 25.48 24.56
N GLU B 270 7.02 26.44 23.74
CA GLU B 270 6.13 26.83 22.67
C GLU B 270 6.17 25.80 21.55
N LEU B 271 7.21 24.98 21.50
CA LEU B 271 7.34 24.03 20.40
C LEU B 271 6.98 22.62 20.75
N LEU B 272 7.12 22.29 22.02
CA LEU B 272 6.86 20.93 22.43
C LEU B 272 5.49 20.51 21.97
N GLY B 273 5.38 19.29 21.45
CA GLY B 273 4.08 18.75 21.14
C GLY B 273 3.51 19.33 19.87
N ARG B 274 4.23 20.30 19.31
CA ARG B 274 3.80 20.95 18.07
C ARG B 274 4.38 20.27 16.84
N SER B 275 3.53 19.98 15.86
CA SER B 275 3.97 19.32 14.64
C SER B 275 4.90 20.17 13.81
N ALA B 276 5.97 19.56 13.33
CA ALA B 276 6.97 20.29 12.57
C ALA B 276 6.38 20.97 11.35
N TYR B 277 5.37 20.35 10.75
CA TYR B 277 4.86 20.83 9.48
C TYR B 277 4.22 22.23 9.50
N GLU B 278 3.81 22.69 10.67
CA GLU B 278 3.14 23.98 10.77
C GLU B 278 4.08 25.17 10.84
N PHE B 279 5.37 24.89 10.89
CA PHE B 279 6.40 25.92 11.03
C PHE B 279 7.20 25.96 9.76
N TYR B 280 6.88 25.07 8.85
CA TYR B 280 7.46 25.12 7.54
C TYR B 280 6.75 26.16 6.71
N HIS B 281 7.49 26.87 5.88
CA HIS B 281 6.83 27.64 4.87
C HIS B 281 6.07 26.62 4.06
N ALA B 282 4.91 26.99 3.54
CA ALA B 282 4.05 26.03 2.86
C ALA B 282 4.63 25.56 1.53
N LEU B 283 5.41 26.42 0.87
CA LEU B 283 5.99 26.05 -0.41
C LEU B 283 6.92 24.87 -0.26
N ASP B 284 7.22 24.52 0.98
CA ASP B 284 8.21 23.52 1.28
C ASP B 284 7.57 22.25 1.80
N SER B 285 6.35 22.36 2.31
CA SER B 285 5.72 21.25 3.01
C SER B 285 5.75 19.92 2.23
N GLU B 286 5.43 19.97 0.95
CA GLU B 286 5.40 18.77 0.14
C GLU B 286 6.79 18.13 0.10
N ASN B 287 7.81 18.96 -0.09
CA ASN B 287 9.19 18.49 -0.21
C ASN B 287 9.72 17.83 1.07
N MET B 288 9.30 18.33 2.22
CA MET B 288 9.76 17.82 3.52
C MET B 288 9.13 16.51 3.84
N THR B 289 7.92 16.32 3.32
CA THR B 289 7.24 15.05 3.49
C THR B 289 8.13 13.97 2.93
N LYS B 290 8.81 14.27 1.84
CA LYS B 290 9.72 13.32 1.27
C LYS B 290 10.85 13.02 2.26
N SER B 291 11.37 14.05 2.92
CA SER B 291 12.45 13.85 3.89
C SER B 291 12.01 12.98 5.03
N HIS B 292 10.81 13.24 5.52
CA HIS B 292 10.18 12.46 6.59
C HIS B 292 10.15 10.99 6.22
N GLN B 293 9.55 10.69 5.07
CA GLN B 293 9.34 9.30 4.66
C GLN B 293 10.66 8.61 4.46
N ASN B 294 11.64 9.34 3.95
CA ASN B 294 12.98 8.80 3.79
C ASN B 294 13.55 8.44 5.14
N LEU B 295 13.40 9.37 6.06
CA LEU B 295 13.91 9.20 7.39
C LEU B 295 13.35 7.94 8.01
N CYS B 296 12.02 7.82 7.96
CA CYS B 296 11.34 6.64 8.48
C CYS B 296 11.74 5.34 7.78
N THR B 297 11.68 5.35 6.45
CA THR B 297 11.84 4.14 5.66
C THR B 297 13.26 3.60 5.73
N LYS B 298 14.24 4.50 5.81
CA LYS B 298 15.63 4.10 5.70
C LYS B 298 16.37 4.32 7.00
N GLY B 299 15.86 5.20 7.84
CA GLY B 299 16.40 5.36 9.18
C GLY B 299 17.10 6.68 9.41
N GLN B 300 17.63 7.26 8.34
CA GLN B 300 18.25 8.58 8.40
C GLN B 300 17.88 9.40 7.17
N VAL B 301 18.02 10.71 7.25
CA VAL B 301 17.78 11.55 6.08
C VAL B 301 18.49 12.87 6.20
N VAL B 302 18.75 13.48 5.04
CA VAL B 302 19.12 14.87 4.95
C VAL B 302 18.05 15.61 4.17
N SER B 303 17.46 16.62 4.80
CA SER B 303 16.49 17.48 4.12
C SER B 303 17.16 18.39 3.09
N GLY B 304 16.35 19.02 2.26
CA GLY B 304 16.84 20.09 1.39
C GLY B 304 16.95 21.38 2.17
N GLN B 305 17.25 22.48 1.49
CA GLN B 305 17.17 23.78 2.14
C GLN B 305 15.70 24.05 2.32
N TYR B 306 15.31 24.56 3.48
CA TYR B 306 13.93 24.94 3.68
C TYR B 306 13.80 26.12 4.60
N ARG B 307 12.63 26.76 4.53
CA ARG B 307 12.32 27.93 5.32
C ARG B 307 11.49 27.54 6.49
N MET B 308 11.92 27.97 7.66
CA MET B 308 11.11 27.76 8.83
C MET B 308 10.59 29.07 9.37
N LEU B 309 9.30 29.12 9.64
CA LEU B 309 8.66 30.33 10.08
C LEU B 309 9.13 30.71 11.46
N ALA B 310 9.51 31.98 11.61
CA ALA B 310 10.16 32.45 12.82
C ALA B 310 9.13 33.09 13.72
N LYS B 311 9.44 33.15 15.00
CA LYS B 311 8.55 33.73 15.99
C LYS B 311 7.95 35.10 15.68
N HIS B 312 8.66 35.98 14.96
CA HIS B 312 8.13 37.34 14.82
C HIS B 312 8.09 37.90 13.39
N GLY B 313 7.91 37.02 12.42
CA GLY B 313 7.77 37.48 11.06
C GLY B 313 8.84 36.76 10.29
N GLY B 314 8.65 36.64 8.99
CA GLY B 314 9.66 35.98 8.20
C GLY B 314 9.99 34.59 8.64
N TYR B 315 11.10 34.10 8.11
CA TYR B 315 11.50 32.71 8.24
C TYR B 315 13.01 32.58 8.16
N VAL B 316 13.54 31.41 8.52
CA VAL B 316 14.97 31.16 8.35
C VAL B 316 15.21 30.03 7.38
N TRP B 317 16.36 30.04 6.75
CA TRP B 317 16.74 28.91 5.94
C TRP B 317 17.42 27.85 6.76
N LEU B 318 16.99 26.61 6.56
CA LEU B 318 17.47 25.46 7.30
C LEU B 318 17.96 24.31 6.44
N GLU B 319 18.82 23.48 7.01
CA GLU B 319 19.02 22.13 6.52
C GLU B 319 19.07 21.21 7.75
N THR B 320 18.32 20.11 7.72
CA THR B 320 18.22 19.26 8.90
C THR B 320 18.63 17.83 8.64
N GLN B 321 19.47 17.32 9.53
CA GLN B 321 19.75 15.90 9.58
C GLN B 321 18.87 15.24 10.61
N GLY B 322 18.20 14.17 10.23
CA GLY B 322 17.34 13.46 11.12
C GLY B 322 17.79 12.02 11.23
N THR B 323 17.70 11.47 12.42
CA THR B 323 18.00 10.07 12.60
C THR B 323 16.94 9.45 13.46
N VAL B 324 16.46 8.28 13.08
CA VAL B 324 15.58 7.53 13.95
C VAL B 324 16.40 6.91 15.08
N ILE B 325 16.00 7.18 16.32
CA ILE B 325 16.69 6.65 17.48
C ILE B 325 16.06 5.37 17.99
N TYR B 326 16.84 4.31 18.16
CA TYR B 326 16.33 3.06 18.73
C TYR B 326 16.64 2.76 20.19
N ASN B 327 15.69 2.09 20.83
CA ASN B 327 15.89 1.59 22.17
C ASN B 327 16.80 0.36 22.09
N PRO B 328 18.03 0.46 22.63
CA PRO B 328 18.99 -0.65 22.49
C PRO B 328 18.55 -1.88 23.30
N ARG B 329 17.60 -1.69 24.21
CA ARG B 329 17.13 -2.80 25.01
C ARG B 329 15.91 -3.46 24.40
N ASN B 330 14.92 -2.70 23.92
CA ASN B 330 13.75 -3.36 23.34
C ASN B 330 13.66 -3.20 21.83
N LEU B 331 14.69 -2.65 21.22
CA LEU B 331 14.74 -2.46 19.77
C LEU B 331 13.51 -1.79 19.19
N GLN B 332 12.89 -0.93 19.97
CA GLN B 332 11.84 -0.12 19.44
C GLN B 332 12.39 1.16 18.95
N PRO B 333 11.80 1.65 17.87
CA PRO B 333 12.04 3.01 17.39
C PRO B 333 11.58 3.95 18.48
N GLN B 334 12.51 4.64 19.11
CA GLN B 334 12.15 5.44 20.26
C GLN B 334 11.75 6.86 19.80
N CYS B 335 12.56 7.52 18.99
CA CYS B 335 12.20 8.87 18.53
C CYS B 335 12.99 9.32 17.30
N ILE B 336 12.86 10.60 16.96
CA ILE B 336 13.69 11.19 15.93
C ILE B 336 14.52 12.29 16.52
N MET B 337 15.83 12.17 16.40
CA MET B 337 16.68 13.25 16.82
C MET B 337 17.14 14.06 15.62
N CYS B 338 16.95 15.37 15.69
CA CYS B 338 17.30 16.21 14.56
C CYS B 338 18.42 17.18 14.83
N VAL B 339 19.40 17.19 13.94
CA VAL B 339 20.39 18.24 13.93
C VAL B 339 20.06 19.26 12.87
N ASN B 340 19.75 20.47 13.32
CA ASN B 340 19.22 21.48 12.43
C ASN B 340 20.25 22.54 12.14
N TYR B 341 20.65 22.63 10.88
CA TYR B 341 21.63 23.60 10.44
C TYR B 341 20.95 24.84 9.91
N VAL B 342 21.08 25.94 10.64
CA VAL B 342 20.46 27.20 10.26
C VAL B 342 21.34 27.93 9.25
N LEU B 343 20.80 28.23 8.08
CA LEU B 343 21.65 28.67 6.99
C LEU B 343 21.58 30.16 6.80
N SER B 344 20.69 30.79 7.54
CA SER B 344 20.55 32.22 7.39
C SER B 344 20.02 32.87 8.65
N GLU B 345 20.01 34.20 8.62
CA GLU B 345 19.26 35.02 9.55
C GLU B 345 17.80 35.06 9.11
N ILE B 346 16.96 35.74 9.86
CA ILE B 346 15.58 35.83 9.46
C ILE B 346 15.38 36.71 8.23
N GLU B 347 14.78 36.11 7.21
CA GLU B 347 14.47 36.76 5.94
C GLU B 347 12.96 37.09 5.92
N LYS B 348 12.60 38.11 5.16
CA LYS B 348 11.23 38.62 5.14
C LYS B 348 10.69 38.80 6.56
N ASN B 349 11.57 39.25 7.44
CA ASN B 349 11.25 39.53 8.83
C ASN B 349 9.95 40.32 8.94
N ASP B 350 9.70 41.16 7.95
CA ASP B 350 8.51 41.99 7.92
C ASP B 350 7.24 41.17 7.72
N VAL B 351 7.34 40.12 6.94
CA VAL B 351 6.13 39.41 6.55
C VAL B 351 5.76 38.44 7.64
N VAL B 352 4.52 38.57 8.11
CA VAL B 352 3.94 37.58 9.00
C VAL B 352 3.28 36.53 8.14
N PHE B 353 3.65 35.29 8.36
CA PHE B 353 3.15 34.24 7.51
C PHE B 353 2.10 33.43 8.22
N SER B 354 2.24 33.26 9.52
CA SER B 354 1.35 32.35 10.19
C SER B 354 0.75 32.93 11.46
N MET B 355 -0.22 32.22 12.00
CA MET B 355 -0.89 32.61 13.22
C MET B 355 0.02 32.67 14.45
N ASP B 356 0.98 31.79 14.53
CA ASP B 356 1.85 31.73 15.69
C ASP B 356 2.62 33.03 15.88
N GLN B 357 2.99 33.62 14.76
CA GLN B 357 3.82 34.82 14.76
C GLN B 357 3.12 35.98 15.45
N THR B 358 1.80 35.89 15.54
CA THR B 358 1.00 36.91 16.19
C THR B 358 1.44 37.10 17.64
N GLU B 359 1.77 35.98 18.28
CA GLU B 359 2.13 36.00 19.68
C GLU B 359 3.42 36.75 19.90
N GLU C 18 -37.31 24.06 6.29
CA GLU C 18 -38.63 24.04 6.90
C GLU C 18 -38.57 23.81 8.42
N ARG C 19 -39.70 24.05 9.07
CA ARG C 19 -39.87 23.77 10.49
C ARG C 19 -39.63 22.29 10.77
N ARG C 20 -39.90 21.43 9.78
CA ARG C 20 -39.93 19.97 9.99
C ARG C 20 -38.56 19.45 10.38
N ARG C 21 -37.55 20.24 10.09
CA ARG C 21 -36.24 20.13 10.70
C ARG C 21 -36.28 19.92 12.22
N ARG C 22 -36.90 20.88 12.89
CA ARG C 22 -36.85 20.97 14.35
C ARG C 22 -37.44 19.75 15.08
N ASN C 23 -38.46 19.12 14.49
CA ASN C 23 -39.14 18.02 15.16
C ASN C 23 -38.21 16.86 15.50
N LYS C 24 -37.28 16.55 14.60
CA LYS C 24 -36.47 15.38 14.82
C LYS C 24 -35.23 15.72 15.63
N MET C 25 -34.81 16.97 15.54
CA MET C 25 -33.78 17.50 16.42
C MET C 25 -34.26 17.30 17.84
N THR C 26 -35.54 17.53 18.02
CA THR C 26 -36.10 17.37 19.34
C THR C 26 -36.09 15.91 19.72
N ALA C 27 -36.52 15.07 18.77
CA ALA C 27 -36.51 13.63 18.95
C ALA C 27 -35.10 13.18 19.18
N TYR C 28 -34.19 13.80 18.44
CA TYR C 28 -32.77 13.53 18.63
C TYR C 28 -32.45 13.84 20.07
N ILE C 29 -32.84 15.01 20.52
CA ILE C 29 -32.54 15.37 21.90
C ILE C 29 -33.19 14.40 22.83
N THR C 30 -34.49 14.23 22.62
CA THR C 30 -35.31 13.37 23.44
C THR C 30 -34.84 11.93 23.53
N GLU C 31 -34.71 11.28 22.38
CA GLU C 31 -34.28 9.90 22.42
C GLU C 31 -32.87 9.83 23.00
N LEU C 32 -32.02 10.76 22.61
CA LEU C 32 -30.68 10.89 23.19
C LEU C 32 -30.77 10.90 24.70
N SER C 33 -31.69 11.70 25.19
CA SER C 33 -31.91 11.79 26.62
C SER C 33 -32.40 10.45 27.20
N ASP C 34 -33.10 9.65 26.39
CA ASP C 34 -33.56 8.34 26.89
C ASP C 34 -32.41 7.47 27.37
N MET C 35 -31.21 7.77 26.89
CA MET C 35 -30.10 6.86 27.03
C MET C 35 -28.93 7.28 27.96
N VAL C 36 -28.89 8.53 28.41
CA VAL C 36 -27.92 8.89 29.43
C VAL C 36 -28.58 8.52 30.77
N PRO C 37 -28.07 7.46 31.44
CA PRO C 37 -28.75 6.76 32.55
C PRO C 37 -29.09 7.58 33.79
N THR C 38 -28.11 8.30 34.34
CA THR C 38 -28.36 9.15 35.50
C THR C 38 -29.26 10.31 35.12
N CYS C 39 -29.30 10.61 33.83
CA CYS C 39 -30.17 11.64 33.26
C CYS C 39 -31.52 11.00 32.94
N SER C 40 -31.46 9.73 32.56
CA SER C 40 -32.65 8.92 32.41
C SER C 40 -33.27 8.77 33.79
N ALA C 41 -32.41 8.77 34.81
CA ALA C 41 -32.80 8.60 36.21
C ALA C 41 -33.39 9.87 36.82
N LEU C 42 -33.64 10.89 36.01
CA LEU C 42 -34.04 12.19 36.54
C LEU C 42 -35.52 12.48 36.74
N ALA C 43 -35.77 13.33 37.74
CA ALA C 43 -37.09 13.80 38.15
C ALA C 43 -37.87 14.49 37.03
N ARG C 44 -37.22 15.44 36.36
CA ARG C 44 -37.77 15.98 35.14
C ARG C 44 -36.70 16.04 34.07
N LYS C 45 -37.14 16.36 32.85
CA LYS C 45 -36.28 16.47 31.69
C LYS C 45 -35.47 17.76 31.71
N PRO C 46 -34.13 17.66 31.68
CA PRO C 46 -33.19 18.77 31.50
C PRO C 46 -33.20 19.39 30.10
N ASP C 47 -32.45 20.48 29.94
CA ASP C 47 -32.34 21.24 28.68
C ASP C 47 -31.44 20.67 27.59
N LYS C 48 -31.47 21.33 26.44
CA LYS C 48 -30.60 20.97 25.31
C LYS C 48 -29.12 20.95 25.64
N LEU C 49 -28.61 22.06 26.16
CA LEU C 49 -27.16 22.19 26.26
C LEU C 49 -26.63 21.23 27.29
N THR C 50 -27.40 20.95 28.34
CA THR C 50 -26.92 20.01 29.34
C THR C 50 -26.94 18.60 28.81
N ILE C 51 -28.08 18.13 28.31
CA ILE C 51 -28.13 16.77 27.74
C ILE C 51 -27.01 16.64 26.74
N LEU C 52 -26.77 17.71 26.02
CA LEU C 52 -25.65 17.78 25.12
C LEU C 52 -24.32 17.67 25.85
N ARG C 53 -24.25 18.10 27.10
CA ARG C 53 -22.99 18.03 27.83
C ARG C 53 -22.97 16.82 28.75
N MET C 54 -24.08 16.08 28.82
CA MET C 54 -24.10 14.86 29.61
C MET C 54 -23.77 13.83 28.62
N ALA C 55 -24.11 14.11 27.37
CA ALA C 55 -23.68 13.26 26.28
C ALA C 55 -22.20 13.45 26.08
N VAL C 56 -21.75 14.71 26.10
CA VAL C 56 -20.33 14.97 26.00
C VAL C 56 -19.64 14.26 27.15
N SER C 57 -20.13 14.50 28.36
CA SER C 57 -19.55 13.90 29.57
C SER C 57 -19.64 12.39 29.58
N HIS C 58 -20.75 11.86 29.09
CA HIS C 58 -20.98 10.42 29.14
C HIS C 58 -20.07 9.69 28.16
N MET C 59 -19.65 10.39 27.11
CA MET C 59 -18.69 9.83 26.17
C MET C 59 -17.29 10.01 26.73
N LYS C 60 -17.14 11.03 27.55
CA LYS C 60 -15.86 11.36 28.16
C LYS C 60 -15.48 10.36 29.26
N SER C 61 -16.45 9.58 29.74
CA SER C 61 -16.12 8.45 30.61
C SER C 61 -15.25 7.39 29.91
N LEU C 62 -15.86 6.64 28.99
CA LEU C 62 -15.17 5.57 28.27
C LEU C 62 -13.98 6.07 27.43
N ASP C 81 -13.71 -1.86 19.95
CA ASP C 81 -12.60 -2.77 20.13
C ASP C 81 -13.04 -4.23 19.93
N GLN C 82 -13.12 -4.97 21.04
CA GLN C 82 -13.51 -6.38 21.08
C GLN C 82 -14.94 -6.61 20.57
N GLU C 83 -15.68 -5.52 20.42
CA GLU C 83 -17.08 -5.56 20.01
C GLU C 83 -17.18 -5.76 18.51
N LEU C 84 -16.28 -5.09 17.82
CA LEU C 84 -16.05 -5.32 16.42
C LEU C 84 -15.90 -6.79 16.15
N LYS C 85 -15.04 -7.43 16.95
CA LYS C 85 -14.78 -8.86 16.82
C LYS C 85 -16.03 -9.69 17.07
N HIS C 86 -16.83 -9.32 18.07
CA HIS C 86 -18.03 -10.08 18.35
C HIS C 86 -19.03 -9.87 17.25
N LEU C 87 -19.05 -8.64 16.77
CA LEU C 87 -19.89 -8.25 15.66
C LEU C 87 -19.66 -9.14 14.48
N ILE C 88 -18.39 -9.24 14.14
CA ILE C 88 -17.94 -10.10 13.08
C ILE C 88 -18.29 -11.52 13.40
N LEU C 89 -17.97 -11.93 14.61
CA LEU C 89 -18.23 -13.28 15.01
C LEU C 89 -19.72 -13.52 14.94
N GLU C 90 -20.48 -12.58 15.46
CA GLU C 90 -21.92 -12.71 15.46
C GLU C 90 -22.47 -12.86 14.05
N ALA C 91 -22.16 -11.89 13.21
CA ALA C 91 -22.70 -11.85 11.86
C ALA C 91 -22.29 -13.04 11.02
N ALA C 92 -21.01 -13.14 10.70
CA ALA C 92 -20.57 -14.06 9.68
C ALA C 92 -19.91 -15.30 10.25
N ASP C 93 -19.76 -15.32 11.57
CA ASP C 93 -18.99 -16.35 12.27
C ASP C 93 -17.57 -16.44 11.73
N GLY C 94 -16.94 -15.29 11.60
CA GLY C 94 -15.60 -15.19 11.06
C GLY C 94 -14.68 -14.87 12.20
N PHE C 95 -13.41 -15.18 12.05
CA PHE C 95 -12.43 -14.83 13.07
C PHE C 95 -11.13 -14.37 12.41
N LEU C 96 -10.34 -13.58 13.13
CA LEU C 96 -9.13 -13.08 12.53
C LEU C 96 -7.97 -13.92 12.99
N PHE C 97 -6.97 -13.97 12.13
CA PHE C 97 -5.77 -14.69 12.39
C PHE C 97 -4.72 -14.14 11.46
N ILE C 98 -3.47 -14.17 11.88
CA ILE C 98 -2.38 -13.68 11.05
C ILE C 98 -1.34 -14.76 10.94
N VAL C 99 -0.88 -15.01 9.73
CA VAL C 99 0.08 -16.08 9.51
C VAL C 99 1.36 -15.58 8.82
N SER C 100 2.50 -16.14 9.25
CA SER C 100 3.78 -15.86 8.63
C SER C 100 3.82 -16.42 7.22
N CYS C 101 4.33 -15.64 6.28
CA CYS C 101 4.37 -16.07 4.90
C CYS C 101 5.52 -17.01 4.72
N GLU C 102 6.39 -17.04 5.72
CA GLU C 102 7.61 -17.80 5.63
C GLU C 102 7.33 -19.28 5.87
N THR C 103 6.59 -19.60 6.92
CA THR C 103 6.35 -20.99 7.27
C THR C 103 4.91 -21.44 7.13
N GLY C 104 4.03 -20.48 7.16
CA GLY C 104 2.63 -20.77 7.36
C GLY C 104 2.43 -20.80 8.85
N ARG C 105 3.44 -20.35 9.61
CA ARG C 105 3.32 -20.28 11.05
C ARG C 105 2.35 -19.20 11.40
N VAL C 106 1.51 -19.54 12.36
CA VAL C 106 0.48 -18.67 12.86
C VAL C 106 1.05 -17.70 13.87
N VAL C 107 1.11 -16.42 13.52
CA VAL C 107 1.66 -15.44 14.44
C VAL C 107 0.57 -14.90 15.37
N TYR C 108 -0.70 -15.06 14.97
CA TYR C 108 -1.85 -14.77 15.86
C TYR C 108 -3.13 -15.44 15.38
N VAL C 109 -3.92 -15.91 16.34
CA VAL C 109 -5.29 -16.27 16.07
C VAL C 109 -6.14 -15.77 17.22
N SER C 110 -7.27 -15.18 16.91
CA SER C 110 -8.14 -14.75 17.99
C SER C 110 -8.76 -15.99 18.54
N ASP C 111 -9.36 -15.86 19.71
CA ASP C 111 -9.99 -17.00 20.37
C ASP C 111 -11.23 -17.45 19.61
N SER C 112 -11.75 -16.57 18.77
CA SER C 112 -12.99 -16.86 18.05
C SER C 112 -12.86 -18.10 17.19
N VAL C 113 -11.63 -18.54 16.98
CA VAL C 113 -11.38 -19.79 16.30
C VAL C 113 -12.11 -20.91 17.00
N THR C 114 -12.33 -20.72 18.30
CA THR C 114 -12.93 -21.74 19.12
C THR C 114 -14.44 -21.87 18.87
N PRO C 115 -15.22 -20.78 19.04
CA PRO C 115 -16.64 -20.94 18.68
C PRO C 115 -16.84 -21.24 17.20
N VAL C 116 -15.93 -20.73 16.37
CA VAL C 116 -16.04 -20.95 14.95
C VAL C 116 -15.69 -22.40 14.62
N LEU C 117 -14.54 -22.88 15.07
CA LEU C 117 -14.10 -24.23 14.68
C LEU C 117 -14.19 -25.34 15.73
N ASN C 118 -14.69 -25.03 16.91
CA ASN C 118 -14.65 -25.94 18.05
C ASN C 118 -13.19 -26.28 18.34
N GLN C 119 -12.33 -25.26 18.29
CA GLN C 119 -10.91 -25.49 18.51
C GLN C 119 -10.20 -24.42 19.34
N PRO C 120 -9.45 -24.88 20.36
CA PRO C 120 -8.74 -24.01 21.30
C PRO C 120 -7.70 -23.14 20.63
N GLN C 121 -7.65 -21.90 21.06
CA GLN C 121 -6.70 -20.93 20.54
C GLN C 121 -5.26 -21.43 20.68
N SER C 122 -5.00 -22.29 21.66
CA SER C 122 -3.67 -22.86 21.89
C SER C 122 -3.32 -23.94 20.89
N GLU C 123 -4.36 -24.57 20.36
CA GLU C 123 -4.16 -25.68 19.45
C GLU C 123 -3.71 -25.19 18.08
N TRP C 124 -3.99 -23.92 17.82
CA TRP C 124 -3.71 -23.29 16.53
C TRP C 124 -2.34 -22.62 16.62
N PHE C 125 -1.96 -22.25 17.84
CA PHE C 125 -0.72 -21.54 18.06
C PHE C 125 0.47 -22.50 18.14
N GLY C 126 1.56 -22.10 17.49
CA GLY C 126 2.79 -22.87 17.43
C GLY C 126 2.83 -23.76 16.22
N SER C 127 1.76 -23.72 15.45
CA SER C 127 1.65 -24.61 14.31
C SER C 127 1.60 -23.81 13.02
N THR C 128 1.38 -24.50 11.92
CA THR C 128 1.38 -23.86 10.63
C THR C 128 0.05 -24.04 9.93
N LEU C 129 -0.48 -22.95 9.37
CA LEU C 129 -1.76 -22.98 8.68
C LEU C 129 -1.94 -24.13 7.71
N TYR C 130 -0.87 -24.59 7.09
CA TYR C 130 -0.96 -25.73 6.22
C TYR C 130 -1.49 -26.94 6.96
N ASP C 131 -1.23 -26.97 8.25
CA ASP C 131 -1.59 -28.12 9.09
C ASP C 131 -3.05 -28.13 9.42
N GLN C 132 -3.68 -26.96 9.30
CA GLN C 132 -5.05 -26.78 9.72
C GLN C 132 -6.01 -26.86 8.55
N VAL C 133 -5.47 -26.91 7.33
CA VAL C 133 -6.30 -26.97 6.14
C VAL C 133 -6.32 -28.38 5.57
N HIS C 134 -7.20 -28.61 4.61
CA HIS C 134 -7.28 -29.89 3.94
C HIS C 134 -6.02 -30.15 3.13
N PRO C 135 -5.48 -31.39 3.17
CA PRO C 135 -4.23 -31.70 2.49
C PRO C 135 -4.23 -31.37 1.00
N ASP C 136 -5.41 -31.34 0.39
CA ASP C 136 -5.52 -31.08 -1.03
C ASP C 136 -5.53 -29.60 -1.38
N ASP C 137 -5.57 -28.75 -0.38
CA ASP C 137 -5.62 -27.31 -0.63
C ASP C 137 -4.29 -26.59 -0.46
N VAL C 138 -3.23 -27.36 -0.24
CA VAL C 138 -1.92 -26.78 0.06
C VAL C 138 -1.34 -25.88 -1.03
N ASP C 139 -1.31 -26.37 -2.27
CA ASP C 139 -0.74 -25.62 -3.37
C ASP C 139 -1.35 -24.22 -3.46
N LYS C 140 -2.65 -24.18 -3.70
CA LYS C 140 -3.39 -22.94 -3.81
C LYS C 140 -3.08 -22.09 -2.60
N LEU C 141 -2.96 -22.73 -1.44
CA LEU C 141 -2.61 -22.02 -0.23
C LEU C 141 -1.21 -21.42 -0.36
N ARG C 142 -0.29 -22.19 -0.92
CA ARG C 142 1.06 -21.71 -1.18
C ARG C 142 1.06 -20.60 -2.21
N GLU C 143 0.15 -20.70 -3.16
CA GLU C 143 0.12 -19.72 -4.22
C GLU C 143 -0.51 -18.48 -3.67
N GLN C 144 -1.27 -18.64 -2.61
CA GLN C 144 -1.86 -17.49 -1.94
C GLN C 144 -0.80 -16.78 -1.12
N LEU C 145 0.24 -17.51 -0.73
CA LEU C 145 1.24 -16.97 0.16
C LEU C 145 2.49 -16.44 -0.60
N SER C 146 2.27 -15.93 -1.82
CA SER C 146 3.32 -15.44 -2.74
C SER C 146 3.67 -13.93 -2.73
N THR C 147 4.85 -13.60 -3.26
CA THR C 147 5.37 -12.23 -3.38
C THR C 147 4.47 -11.26 -4.15
N SER C 148 4.53 -9.99 -3.78
CA SER C 148 3.77 -8.95 -4.45
C SER C 148 4.67 -7.78 -4.80
N SER C 179 -0.22 -6.46 -0.13
CA SER C 179 -1.15 -6.63 -1.23
C SER C 179 -2.40 -7.41 -0.79
N ARG C 180 -3.46 -7.37 -1.59
CA ARG C 180 -4.70 -8.09 -1.25
C ARG C 180 -4.73 -9.53 -1.73
N ARG C 181 -5.23 -10.43 -0.89
CA ARG C 181 -5.57 -11.82 -1.28
C ARG C 181 -6.84 -12.29 -0.62
N SER C 182 -7.43 -13.33 -1.21
CA SER C 182 -8.68 -13.89 -0.71
C SER C 182 -8.89 -15.27 -1.29
N PHE C 183 -9.26 -16.22 -0.45
CA PHE C 183 -9.45 -17.59 -0.93
C PHE C 183 -10.37 -18.41 -0.07
N ILE C 184 -10.54 -19.66 -0.47
CA ILE C 184 -11.40 -20.63 0.21
C ILE C 184 -10.68 -21.93 0.52
N CYS C 185 -10.87 -22.49 1.70
CA CYS C 185 -10.24 -23.77 1.98
C CYS C 185 -11.00 -24.60 3.02
N ARG C 186 -10.73 -25.90 3.05
CA ARG C 186 -11.35 -26.77 4.00
C ARG C 186 -10.43 -26.84 5.19
N MET C 187 -10.96 -26.45 6.34
CA MET C 187 -10.21 -26.41 7.59
C MET C 187 -10.80 -27.36 8.63
N ARG C 188 -9.97 -27.85 9.53
CA ARG C 188 -10.38 -28.89 10.48
C ARG C 188 -11.08 -28.39 11.74
N CYS C 189 -11.97 -29.22 12.30
CA CYS C 189 -12.77 -28.95 13.50
C CYS C 189 -12.22 -29.70 14.73
N GLY C 190 -12.80 -29.47 15.90
CA GLY C 190 -12.34 -30.12 17.12
C GLY C 190 -13.00 -31.43 17.43
N PRO C 221 -11.23 -37.21 10.29
CA PRO C 221 -10.87 -35.94 9.65
C PRO C 221 -12.10 -35.15 9.16
N HIS C 222 -12.55 -34.16 9.93
CA HIS C 222 -13.73 -33.40 9.54
C HIS C 222 -13.32 -32.00 9.10
N PHE C 223 -13.78 -31.59 7.93
CA PHE C 223 -13.46 -30.27 7.43
C PHE C 223 -14.68 -29.43 7.14
N VAL C 224 -14.52 -28.13 7.34
CA VAL C 224 -15.54 -27.16 6.95
C VAL C 224 -14.97 -26.14 5.98
N VAL C 225 -15.83 -25.68 5.07
CA VAL C 225 -15.44 -24.72 4.08
C VAL C 225 -15.36 -23.31 4.62
N VAL C 226 -14.20 -22.70 4.46
CA VAL C 226 -13.90 -21.43 5.07
C VAL C 226 -13.51 -20.37 4.06
N HIS C 227 -14.23 -19.27 4.06
CA HIS C 227 -13.93 -18.14 3.19
C HIS C 227 -13.01 -17.19 3.92
N CYS C 228 -11.82 -16.99 3.40
CA CYS C 228 -10.81 -16.17 4.05
C CYS C 228 -10.49 -14.91 3.25
N THR C 229 -10.53 -13.73 3.88
CA THR C 229 -10.10 -12.50 3.20
C THR C 229 -9.04 -11.84 4.06
N GLY C 230 -8.15 -11.10 3.43
CA GLY C 230 -7.08 -10.49 4.18
C GLY C 230 -6.08 -9.80 3.29
N TYR C 231 -4.89 -9.55 3.83
CA TYR C 231 -3.90 -8.85 3.05
C TYR C 231 -2.48 -9.12 3.50
N ILE C 232 -1.54 -8.85 2.60
CA ILE C 232 -0.13 -8.97 2.89
C ILE C 232 0.36 -7.74 3.57
N LYS C 233 0.83 -7.92 4.79
CA LYS C 233 1.45 -6.81 5.44
C LYS C 233 2.90 -7.17 5.55
N ALA C 234 3.77 -6.26 5.15
CA ALA C 234 5.16 -6.45 5.42
C ALA C 234 5.30 -6.18 6.89
N TRP C 235 6.05 -7.03 7.58
CA TRP C 235 6.28 -6.82 8.99
C TRP C 235 7.35 -7.77 9.49
N LYS C 254 9.71 -11.32 5.00
CA LYS C 254 9.54 -10.17 5.88
C LYS C 254 8.07 -9.77 5.92
N PHE C 255 7.23 -10.55 5.24
CA PHE C 255 5.83 -10.17 5.09
C PHE C 255 4.95 -11.10 5.88
N CYS C 256 3.78 -10.60 6.26
CA CYS C 256 2.79 -11.38 6.97
C CYS C 256 1.43 -11.31 6.30
N LEU C 257 0.59 -12.30 6.61
CA LEU C 257 -0.76 -12.29 6.10
C LEU C 257 -1.76 -12.13 7.22
N VAL C 258 -2.50 -11.04 7.14
CA VAL C 258 -3.53 -10.72 8.11
C VAL C 258 -4.87 -11.03 7.48
N ALA C 259 -5.64 -11.92 8.10
CA ALA C 259 -6.89 -12.37 7.49
C ALA C 259 -7.97 -12.75 8.48
N ILE C 260 -9.20 -12.71 7.98
CA ILE C 260 -10.37 -13.23 8.68
C ILE C 260 -10.95 -14.41 7.92
N GLY C 261 -11.21 -15.53 8.60
CA GLY C 261 -11.93 -16.62 7.96
C GLY C 261 -13.34 -16.78 8.48
N ARG C 262 -14.34 -16.90 7.62
CA ARG C 262 -15.72 -17.06 8.10
C ARG C 262 -16.48 -18.19 7.39
N LEU C 263 -17.43 -18.82 8.08
CA LEU C 263 -18.19 -19.88 7.43
C LEU C 263 -19.46 -19.44 6.76
N GLN C 264 -20.12 -20.43 6.18
CA GLN C 264 -21.34 -20.24 5.42
C GLN C 264 -22.24 -21.49 5.52
N VAL C 265 -23.55 -21.30 5.35
CA VAL C 265 -24.50 -22.42 5.27
C VAL C 265 -24.87 -22.81 3.82
N THR C 266 -25.00 -24.11 3.55
CA THR C 266 -25.53 -24.65 2.28
C THR C 266 -26.21 -26.03 2.45
N SER C 267 -27.52 -26.04 2.64
CA SER C 267 -28.28 -27.28 2.91
C SER C 267 -28.26 -28.23 1.71
N THR C 281 -34.58 -47.38 -1.65
CA THR C 281 -35.95 -47.36 -2.12
C THR C 281 -35.98 -46.73 -3.52
N GLU C 282 -35.01 -45.86 -3.82
CA GLU C 282 -35.07 -45.07 -5.06
C GLU C 282 -33.75 -44.48 -5.57
N PHE C 283 -33.81 -43.87 -6.77
CA PHE C 283 -32.71 -43.11 -7.35
C PHE C 283 -33.20 -42.07 -8.38
N ILE C 284 -32.34 -41.11 -8.70
CA ILE C 284 -32.70 -39.96 -9.54
C ILE C 284 -32.15 -39.99 -10.96
N SER C 285 -32.97 -39.59 -11.93
CA SER C 285 -32.51 -39.51 -13.29
C SER C 285 -32.90 -38.20 -13.94
N ARG C 286 -32.13 -37.80 -14.96
CA ARG C 286 -32.55 -36.75 -15.87
C ARG C 286 -32.72 -37.36 -17.23
N HIS C 287 -33.68 -36.87 -17.99
CA HIS C 287 -33.87 -37.28 -19.38
C HIS C 287 -34.05 -36.09 -20.32
N ASN C 288 -33.72 -36.28 -21.59
CA ASN C 288 -34.21 -35.33 -22.59
C ASN C 288 -35.69 -35.62 -22.81
N ILE C 289 -36.39 -34.74 -23.51
CA ILE C 289 -37.84 -34.87 -23.63
C ILE C 289 -38.25 -36.07 -24.50
N GLU C 290 -37.25 -36.70 -25.11
CA GLU C 290 -37.46 -37.90 -25.92
C GLU C 290 -37.45 -39.18 -25.06
N GLY C 291 -36.90 -39.10 -23.84
CA GLY C 291 -36.84 -40.23 -22.94
C GLY C 291 -35.49 -40.88 -22.63
N ILE C 292 -34.43 -40.38 -23.26
CA ILE C 292 -33.07 -40.84 -23.02
C ILE C 292 -32.52 -40.42 -21.65
N PHE C 293 -31.92 -41.35 -20.92
CA PHE C 293 -31.13 -41.02 -19.73
C PHE C 293 -29.91 -40.14 -20.08
N THR C 294 -29.85 -38.92 -19.57
CA THR C 294 -28.70 -38.07 -19.82
C THR C 294 -27.98 -37.89 -18.51
N PHE C 295 -28.58 -38.45 -17.46
CA PHE C 295 -28.06 -38.43 -16.11
C PHE C 295 -28.75 -39.50 -15.27
N VAL C 296 -27.96 -40.28 -14.54
CA VAL C 296 -28.45 -41.35 -13.67
C VAL C 296 -27.72 -41.35 -12.32
N ASP C 297 -28.47 -41.47 -11.24
CA ASP C 297 -27.82 -41.47 -9.93
C ASP C 297 -27.25 -42.84 -9.63
N HIS C 298 -26.06 -42.85 -9.01
CA HIS C 298 -25.33 -44.08 -8.75
C HIS C 298 -26.11 -45.12 -7.94
N ARG C 299 -27.15 -44.69 -7.24
CA ARG C 299 -27.91 -45.61 -6.41
C ARG C 299 -28.87 -46.41 -7.26
N CYS C 300 -28.87 -46.10 -8.55
CA CYS C 300 -29.55 -46.93 -9.51
C CYS C 300 -29.00 -48.33 -9.36
N VAL C 301 -27.69 -48.42 -9.13
CA VAL C 301 -27.03 -49.69 -8.89
C VAL C 301 -27.72 -50.51 -7.84
N ALA C 302 -28.10 -49.85 -6.76
CA ALA C 302 -28.71 -50.54 -5.65
C ALA C 302 -30.16 -50.85 -5.92
N THR C 303 -30.83 -49.91 -6.57
CA THR C 303 -32.27 -50.00 -6.75
C THR C 303 -32.63 -51.08 -7.73
N VAL C 304 -31.96 -51.10 -8.88
CA VAL C 304 -32.33 -52.01 -9.94
C VAL C 304 -31.17 -52.87 -10.43
N GLY C 305 -30.00 -52.71 -9.85
CA GLY C 305 -28.89 -53.54 -10.21
C GLY C 305 -28.08 -53.04 -11.40
N TYR C 306 -28.48 -51.94 -12.02
CA TYR C 306 -27.66 -51.42 -13.11
C TYR C 306 -26.63 -50.42 -12.61
N GLN C 307 -25.45 -50.44 -13.21
CA GLN C 307 -24.52 -49.35 -13.01
C GLN C 307 -25.08 -48.22 -13.83
N PRO C 308 -24.97 -46.99 -13.35
CA PRO C 308 -25.62 -45.86 -14.02
C PRO C 308 -25.27 -45.81 -15.49
N GLN C 309 -24.06 -46.21 -15.81
CA GLN C 309 -23.61 -46.20 -17.21
C GLN C 309 -24.47 -47.07 -18.12
N GLU C 310 -25.12 -48.09 -17.57
CA GLU C 310 -25.90 -49.00 -18.39
C GLU C 310 -27.26 -48.43 -18.74
N LEU C 311 -27.62 -47.36 -18.06
CA LEU C 311 -28.90 -46.74 -18.27
C LEU C 311 -28.68 -45.53 -19.15
N LEU C 312 -27.57 -44.85 -18.90
CA LEU C 312 -27.27 -43.62 -19.61
C LEU C 312 -27.27 -43.86 -21.11
N GLY C 313 -27.88 -42.93 -21.84
CA GLY C 313 -27.94 -43.03 -23.28
C GLY C 313 -29.08 -43.88 -23.81
N LYS C 314 -29.79 -44.57 -22.93
CA LYS C 314 -30.91 -45.42 -23.35
C LYS C 314 -32.28 -44.91 -22.91
N ASN C 315 -33.31 -45.27 -23.66
CA ASN C 315 -34.65 -44.84 -23.33
C ASN C 315 -35.16 -45.63 -22.16
N ILE C 316 -35.66 -44.92 -21.17
CA ILE C 316 -36.32 -45.53 -20.04
C ILE C 316 -37.48 -46.46 -20.45
N VAL C 317 -38.13 -46.14 -21.55
CA VAL C 317 -39.26 -46.94 -22.03
C VAL C 317 -38.80 -48.33 -22.40
N GLU C 318 -37.57 -48.48 -22.85
CA GLU C 318 -37.09 -49.80 -23.20
C GLU C 318 -36.74 -50.69 -22.00
N PHE C 319 -36.80 -50.13 -20.80
CA PHE C 319 -36.61 -50.91 -19.57
C PHE C 319 -37.98 -51.17 -19.00
N CYS C 320 -38.96 -50.69 -19.72
CA CYS C 320 -40.34 -50.73 -19.30
C CYS C 320 -41.01 -51.97 -19.86
N HIS C 321 -41.88 -52.56 -19.06
CA HIS C 321 -42.69 -53.67 -19.51
C HIS C 321 -43.46 -53.22 -20.74
N PRO C 322 -43.44 -54.05 -21.78
CA PRO C 322 -44.08 -53.76 -23.06
C PRO C 322 -45.47 -53.16 -22.92
N GLU C 323 -46.30 -53.77 -22.08
CA GLU C 323 -47.68 -53.32 -21.95
C GLU C 323 -47.81 -52.06 -21.09
N ASP C 324 -46.72 -51.62 -20.48
CA ASP C 324 -46.76 -50.39 -19.68
C ASP C 324 -46.21 -49.23 -20.48
N GLN C 325 -45.63 -49.56 -21.63
CA GLN C 325 -44.86 -48.60 -22.40
C GLN C 325 -45.73 -47.46 -22.88
N GLN C 326 -47.01 -47.74 -23.12
CA GLN C 326 -47.91 -46.68 -23.58
C GLN C 326 -48.27 -45.72 -22.46
N LEU C 327 -48.40 -46.25 -21.26
CA LEU C 327 -48.65 -45.41 -20.09
C LEU C 327 -47.52 -44.45 -19.82
N LEU C 328 -46.31 -44.96 -20.02
CA LEU C 328 -45.07 -44.26 -19.78
C LEU C 328 -44.78 -43.21 -20.85
N ARG C 329 -44.97 -43.56 -22.12
CA ARG C 329 -44.77 -42.58 -23.18
C ARG C 329 -45.75 -41.42 -23.03
N ASP C 330 -47.01 -41.72 -22.69
CA ASP C 330 -48.02 -40.68 -22.48
C ASP C 330 -47.55 -39.73 -21.43
N SER C 331 -47.02 -40.31 -20.37
CA SER C 331 -46.53 -39.56 -19.24
C SER C 331 -45.50 -38.54 -19.67
N PHE C 332 -44.58 -38.95 -20.51
CA PHE C 332 -43.51 -38.06 -20.91
C PHE C 332 -44.03 -36.88 -21.68
N GLN C 333 -45.11 -37.10 -22.41
CA GLN C 333 -45.71 -36.03 -23.19
C GLN C 333 -46.48 -35.09 -22.29
N GLN C 334 -47.05 -35.61 -21.22
CA GLN C 334 -47.88 -34.79 -20.38
C GLN C 334 -47.03 -33.90 -19.49
N VAL C 335 -45.93 -34.42 -18.96
CA VAL C 335 -45.10 -33.68 -18.02
C VAL C 335 -44.48 -32.48 -18.69
N VAL C 336 -44.20 -32.67 -19.97
CA VAL C 336 -43.73 -31.61 -20.81
C VAL C 336 -44.89 -30.65 -21.00
N LYS C 337 -46.05 -31.22 -21.31
CA LYS C 337 -47.25 -30.44 -21.60
C LYS C 337 -47.65 -29.71 -20.34
N LEU C 338 -47.50 -30.38 -19.21
CA LEU C 338 -47.77 -29.75 -17.94
C LEU C 338 -46.44 -29.28 -17.40
N LYS C 339 -45.75 -28.50 -18.24
CA LYS C 339 -44.45 -27.93 -17.92
C LYS C 339 -44.33 -27.44 -16.48
N GLY C 340 -43.29 -27.88 -15.80
CA GLY C 340 -43.02 -27.40 -14.48
C GLY C 340 -43.65 -28.33 -13.48
N GLN C 341 -44.80 -28.89 -13.83
CA GLN C 341 -45.61 -29.55 -12.83
C GLN C 341 -45.24 -31.01 -12.75
N VAL C 342 -45.43 -31.59 -11.57
CA VAL C 342 -45.00 -32.95 -11.27
C VAL C 342 -46.04 -33.92 -11.75
N LEU C 343 -45.60 -35.06 -12.25
CA LEU C 343 -46.56 -36.01 -12.71
C LEU C 343 -46.01 -37.39 -12.41
N SER C 344 -46.85 -38.30 -11.96
CA SER C 344 -46.37 -39.61 -11.55
C SER C 344 -46.98 -40.73 -12.36
N VAL C 345 -46.24 -41.82 -12.52
CA VAL C 345 -46.74 -43.00 -13.24
C VAL C 345 -46.15 -44.27 -12.62
N MET C 346 -46.91 -45.38 -12.63
CA MET C 346 -46.39 -46.63 -12.08
C MET C 346 -46.30 -47.68 -13.17
N PHE C 347 -45.14 -48.34 -13.27
CA PHE C 347 -44.89 -49.34 -14.31
C PHE C 347 -43.81 -50.32 -13.90
N ARG C 348 -43.72 -51.43 -14.61
CA ARG C 348 -42.66 -52.39 -14.32
C ARG C 348 -41.45 -52.10 -15.16
N PHE C 349 -40.37 -51.84 -14.45
CA PHE C 349 -39.08 -51.50 -15.01
C PHE C 349 -38.26 -52.77 -15.03
N ARG C 350 -37.50 -52.98 -16.09
CA ARG C 350 -36.75 -54.22 -16.14
C ARG C 350 -35.49 -54.09 -15.32
N SER C 351 -35.51 -54.68 -14.13
CA SER C 351 -34.34 -54.77 -13.28
C SER C 351 -33.18 -55.37 -14.03
N LYS C 352 -31.98 -55.26 -13.45
CA LYS C 352 -30.82 -55.95 -13.98
C LYS C 352 -31.01 -57.46 -14.02
N THR C 353 -31.78 -57.99 -13.09
CA THR C 353 -32.06 -59.43 -13.05
C THR C 353 -33.23 -59.84 -13.92
N ARG C 354 -33.65 -58.97 -14.82
CA ARG C 354 -34.79 -59.26 -15.70
C ARG C 354 -36.12 -59.11 -14.95
N GLU C 355 -36.05 -59.14 -13.61
CA GLU C 355 -37.23 -59.02 -12.80
C GLU C 355 -37.95 -57.71 -13.09
N TRP C 356 -39.26 -57.77 -13.27
CA TRP C 356 -40.02 -56.56 -13.52
C TRP C 356 -40.30 -55.91 -12.20
N LEU C 357 -39.81 -54.70 -12.03
CA LEU C 357 -39.96 -53.99 -10.78
C LEU C 357 -40.98 -52.92 -10.87
N TRP C 358 -41.96 -53.02 -10.00
CA TRP C 358 -42.93 -51.98 -9.93
C TRP C 358 -42.24 -50.74 -9.48
N MET C 359 -42.49 -49.70 -10.24
CA MET C 359 -41.79 -48.46 -10.05
C MET C 359 -42.76 -47.33 -10.16
N ARG C 360 -42.61 -46.33 -9.30
CA ARG C 360 -43.36 -45.10 -9.43
C ARG C 360 -42.32 -44.02 -9.60
N THR C 361 -42.44 -43.24 -10.66
CA THR C 361 -41.56 -42.09 -10.84
C THR C 361 -42.34 -40.82 -11.01
N SER C 362 -41.89 -39.77 -10.34
CA SER C 362 -42.49 -38.46 -10.51
C SER C 362 -41.50 -37.58 -11.26
N SER C 363 -41.99 -36.85 -12.24
CA SER C 363 -41.09 -36.06 -13.03
C SER C 363 -41.68 -34.74 -13.43
N PHE C 364 -40.79 -33.81 -13.76
CA PHE C 364 -41.16 -32.49 -14.23
C PHE C 364 -40.12 -31.99 -15.18
N THR C 365 -40.50 -31.03 -16.00
CA THR C 365 -39.55 -30.40 -16.88
C THR C 365 -38.87 -29.30 -16.09
N PHE C 366 -37.60 -29.06 -16.36
CA PHE C 366 -36.86 -28.03 -15.64
C PHE C 366 -36.50 -26.94 -16.62
N GLN C 367 -36.93 -25.70 -16.38
CA GLN C 367 -36.74 -24.65 -17.38
C GLN C 367 -35.68 -23.62 -17.04
N ASN C 368 -35.05 -23.11 -18.09
CA ASN C 368 -34.04 -22.09 -17.94
C ASN C 368 -34.71 -20.84 -17.47
N PRO C 369 -34.21 -20.26 -16.39
CA PRO C 369 -34.86 -19.09 -15.81
C PRO C 369 -34.85 -17.92 -16.78
N TYR C 370 -33.87 -17.90 -17.68
CA TYR C 370 -33.81 -16.83 -18.63
C TYR C 370 -34.50 -17.15 -19.94
N SER C 371 -34.03 -18.21 -20.59
CA SER C 371 -34.51 -18.53 -21.92
C SER C 371 -35.87 -19.20 -21.85
N ASP C 372 -36.16 -19.77 -20.68
CA ASP C 372 -37.42 -20.46 -20.44
C ASP C 372 -37.62 -21.67 -21.36
N GLU C 373 -36.56 -22.09 -22.01
CA GLU C 373 -36.57 -23.35 -22.74
C GLU C 373 -36.54 -24.49 -21.69
N ILE C 374 -37.06 -25.66 -22.03
CA ILE C 374 -36.98 -26.83 -21.13
C ILE C 374 -35.60 -27.47 -21.10
N GLU C 375 -34.96 -27.48 -19.94
CA GLU C 375 -33.62 -28.04 -19.86
C GLU C 375 -33.67 -29.56 -19.92
N TYR C 376 -34.61 -30.16 -19.18
CA TYR C 376 -34.73 -31.61 -19.13
C TYR C 376 -35.86 -32.04 -18.24
N ILE C 377 -36.18 -33.32 -18.32
CA ILE C 377 -37.08 -33.91 -17.36
C ILE C 377 -36.27 -34.56 -16.26
N ILE C 378 -36.60 -34.26 -15.03
CA ILE C 378 -35.92 -34.88 -13.91
C ILE C 378 -36.79 -35.91 -13.23
N CYS C 379 -36.28 -37.13 -13.07
CA CYS C 379 -37.07 -38.18 -12.47
C CYS C 379 -36.45 -38.70 -11.22
N THR C 380 -37.32 -39.03 -10.29
CA THR C 380 -36.96 -39.83 -9.14
C THR C 380 -37.74 -41.12 -9.25
N ASN C 381 -37.01 -42.23 -9.32
CA ASN C 381 -37.65 -43.48 -9.64
C ASN C 381 -37.65 -44.39 -8.44
N THR C 382 -38.81 -44.51 -7.82
CA THR C 382 -38.98 -45.13 -6.52
C THR C 382 -39.65 -46.48 -6.58
N ASN C 383 -39.05 -47.46 -5.93
CA ASN C 383 -39.65 -48.77 -5.81
C ASN C 383 -41.03 -48.60 -5.25
N VAL C 384 -41.98 -49.27 -5.88
CA VAL C 384 -43.34 -49.25 -5.43
C VAL C 384 -43.43 -50.32 -4.34
N ARG D 25 -26.81 30.56 25.27
CA ARG D 25 -26.21 31.49 24.32
C ARG D 25 -25.85 30.76 23.02
N ARG D 26 -25.80 31.51 21.92
CA ARG D 26 -25.45 30.97 20.61
C ARG D 26 -24.12 30.25 20.68
N SER D 27 -23.13 30.99 21.15
CA SER D 27 -21.80 30.44 21.32
C SER D 27 -21.71 29.11 22.06
N LYS D 28 -22.19 29.05 23.30
CA LYS D 28 -21.94 27.84 24.11
C LYS D 28 -22.86 26.67 23.71
N GLU D 29 -23.91 26.98 22.96
CA GLU D 29 -24.80 25.92 22.51
C GLU D 29 -24.22 25.22 21.30
N THR D 30 -23.66 26.00 20.38
CA THR D 30 -23.03 25.43 19.21
C THR D 30 -21.74 24.74 19.66
N GLU D 31 -21.18 25.22 20.76
CA GLU D 31 -19.89 24.74 21.22
C GLU D 31 -20.03 23.38 21.90
N VAL D 32 -21.11 23.17 22.66
CA VAL D 32 -21.29 21.86 23.25
C VAL D 32 -21.58 20.82 22.17
N PHE D 33 -22.21 21.27 21.09
CA PHE D 33 -22.32 20.40 19.92
C PHE D 33 -20.95 20.03 19.41
N TYR D 34 -20.02 20.96 19.48
CA TYR D 34 -18.70 20.72 18.97
C TYR D 34 -17.90 19.85 19.93
N GLU D 35 -18.18 19.97 21.23
CA GLU D 35 -17.52 19.12 22.22
C GLU D 35 -18.05 17.70 22.09
N LEU D 36 -19.33 17.63 21.74
CA LEU D 36 -19.99 16.35 21.59
C LEU D 36 -19.42 15.65 20.40
N ALA D 37 -19.33 16.41 19.31
CA ALA D 37 -18.75 15.94 18.07
C ALA D 37 -17.29 15.55 18.29
N HIS D 38 -16.56 16.39 19.01
CA HIS D 38 -15.15 16.13 19.20
C HIS D 38 -14.83 15.28 20.39
N GLU D 39 -15.84 14.64 20.94
CA GLU D 39 -15.61 13.60 21.93
C GLU D 39 -16.35 12.33 21.53
N LEU D 40 -16.97 12.37 20.36
CA LEU D 40 -17.47 11.16 19.74
C LEU D 40 -16.30 10.29 19.33
N PRO D 41 -16.51 8.97 19.36
CA PRO D 41 -15.42 8.06 18.96
C PRO D 41 -15.12 8.10 17.46
N LEU D 42 -14.59 9.22 16.99
CA LEU D 42 -14.27 9.46 15.57
C LEU D 42 -13.07 10.39 15.39
N PRO D 43 -12.39 10.28 14.23
CA PRO D 43 -11.36 11.28 13.96
C PRO D 43 -12.00 12.64 13.99
N HIS D 44 -11.32 13.59 14.60
CA HIS D 44 -11.76 14.97 14.59
C HIS D 44 -12.05 15.39 13.16
N SER D 45 -11.39 14.74 12.19
CA SER D 45 -11.63 14.96 10.77
C SER D 45 -13.10 14.97 10.34
N VAL D 46 -13.86 13.93 10.65
CA VAL D 46 -15.27 13.87 10.26
C VAL D 46 -16.21 14.61 11.23
N SER D 47 -15.99 14.38 12.53
CA SER D 47 -16.68 15.06 13.62
C SER D 47 -16.86 16.59 13.46
N SER D 48 -15.80 17.28 13.06
CA SER D 48 -15.83 18.74 12.89
C SER D 48 -16.88 19.27 11.91
N HIS D 49 -17.10 18.55 10.82
CA HIS D 49 -17.90 19.10 9.73
C HIS D 49 -19.35 18.80 9.97
N LEU D 50 -19.61 18.05 11.03
CA LEU D 50 -20.96 17.66 11.33
C LEU D 50 -21.78 18.88 11.65
N ASP D 51 -22.91 19.01 10.98
CA ASP D 51 -23.93 19.90 11.50
C ASP D 51 -24.56 19.16 12.68
N LYS D 52 -25.51 19.78 13.37
CA LYS D 52 -25.89 19.26 14.67
C LYS D 52 -26.90 18.14 14.61
N ALA D 53 -27.78 18.16 13.62
CA ALA D 53 -28.72 17.06 13.43
C ALA D 53 -27.90 15.81 13.24
N SER D 54 -26.78 16.02 12.54
CA SER D 54 -25.82 14.99 12.23
C SER D 54 -25.12 14.55 13.49
N ILE D 55 -24.62 15.52 14.27
CA ILE D 55 -23.94 15.22 15.53
C ILE D 55 -24.86 14.40 16.43
N MET D 56 -26.13 14.78 16.45
CA MET D 56 -27.15 14.01 17.14
C MET D 56 -27.28 12.57 16.68
N ARG D 57 -27.62 12.38 15.41
CA ARG D 57 -27.91 11.04 14.88
C ARG D 57 -26.84 10.05 15.23
N LEU D 58 -25.60 10.50 15.09
CA LEU D 58 -24.47 9.61 15.21
C LEU D 58 -24.27 9.22 16.66
N ALA D 59 -24.49 10.19 17.54
CA ALA D 59 -24.41 9.93 18.96
C ALA D 59 -25.43 8.88 19.35
N ILE D 60 -26.68 9.12 18.96
CA ILE D 60 -27.73 8.17 19.25
C ILE D 60 -27.38 6.78 18.73
N SER D 61 -27.08 6.67 17.44
CA SER D 61 -26.91 5.35 16.85
C SER D 61 -25.67 4.65 17.39
N PHE D 62 -24.65 5.42 17.72
CA PHE D 62 -23.50 4.83 18.38
C PHE D 62 -23.90 4.17 19.70
N LEU D 63 -24.81 4.80 20.41
CA LEU D 63 -25.23 4.25 21.68
C LEU D 63 -26.21 3.12 21.52
N ARG D 64 -27.10 3.24 20.54
CA ARG D 64 -28.07 2.18 20.29
C ARG D 64 -27.26 0.94 20.02
N THR D 65 -26.24 1.14 19.21
CA THR D 65 -25.35 0.08 18.83
C THR D 65 -24.65 -0.50 20.04
N HIS D 66 -24.02 0.35 20.83
CA HIS D 66 -23.22 -0.12 21.94
C HIS D 66 -23.99 -0.93 22.98
N LYS D 67 -25.28 -0.64 23.16
CA LYS D 67 -26.02 -1.43 24.12
C LYS D 67 -26.63 -2.65 23.45
N LEU D 68 -26.90 -2.57 22.15
CA LEU D 68 -27.30 -3.78 21.46
C LEU D 68 -26.15 -4.75 21.66
N LEU D 69 -24.94 -4.22 21.61
CA LEU D 69 -23.73 -5.01 21.77
C LEU D 69 -23.67 -5.55 23.18
N SER D 70 -24.30 -4.84 24.10
CA SER D 70 -24.35 -5.31 25.48
C SER D 70 -25.03 -6.68 25.50
N SER D 71 -25.93 -6.91 24.54
CA SER D 71 -26.57 -8.23 24.39
C SER D 71 -25.65 -9.37 23.94
N VAL D 72 -24.58 -9.06 23.23
CA VAL D 72 -23.69 -10.10 22.71
C VAL D 72 -22.63 -10.45 23.75
N ASP D 87 -8.80 -2.60 16.65
CA ASP D 87 -7.71 -3.01 15.77
C ASP D 87 -7.98 -2.70 14.31
N ASN D 88 -7.07 -1.96 13.69
CA ASN D 88 -7.10 -1.67 12.26
C ASN D 88 -7.13 -2.97 11.44
N LEU D 89 -6.76 -4.06 12.12
CA LEU D 89 -6.70 -5.40 11.55
C LEU D 89 -8.00 -5.95 11.03
N TYR D 90 -8.93 -6.15 11.95
CA TYR D 90 -10.23 -6.69 11.61
C TYR D 90 -10.90 -5.92 10.48
N LEU D 91 -10.90 -4.60 10.55
CA LEU D 91 -11.54 -3.80 9.52
C LEU D 91 -10.83 -3.86 8.17
N LYS D 92 -9.52 -4.01 8.19
CA LYS D 92 -8.79 -3.96 6.94
C LYS D 92 -8.76 -5.35 6.33
N ALA D 93 -9.00 -6.36 7.14
CA ALA D 93 -9.07 -7.72 6.64
C ALA D 93 -10.39 -7.94 5.91
N LEU D 94 -11.41 -7.17 6.26
CA LEU D 94 -12.68 -7.23 5.56
C LEU D 94 -12.65 -6.80 4.09
N GLU D 95 -13.28 -7.61 3.26
CA GLU D 95 -13.59 -7.24 1.89
C GLU D 95 -15.06 -6.94 1.78
N GLY D 96 -15.57 -6.34 2.83
CA GLY D 96 -16.95 -5.97 2.88
C GLY D 96 -17.04 -5.13 4.11
N PHE D 97 -18.23 -4.71 4.44
CA PHE D 97 -18.45 -3.94 5.64
C PHE D 97 -19.52 -4.55 6.49
N ILE D 98 -19.53 -4.17 7.76
CA ILE D 98 -20.50 -4.62 8.73
C ILE D 98 -21.59 -3.60 8.83
N ALA D 99 -22.84 -4.04 8.81
CA ALA D 99 -23.96 -3.13 9.04
C ALA D 99 -24.90 -3.68 10.09
N VAL D 100 -25.43 -2.79 10.93
CA VAL D 100 -26.50 -3.19 11.81
C VAL D 100 -27.74 -2.41 11.52
N VAL D 101 -28.83 -3.13 11.30
CA VAL D 101 -30.07 -2.50 10.89
C VAL D 101 -31.25 -2.95 11.72
N THR D 102 -31.99 -1.99 12.23
CA THR D 102 -33.13 -2.25 13.08
C THR D 102 -34.32 -2.79 12.30
N GLN D 103 -35.36 -3.15 13.04
CA GLN D 103 -36.55 -3.77 12.46
C GLN D 103 -37.27 -2.85 11.52
N ASP D 104 -37.08 -1.54 11.70
CA ASP D 104 -37.74 -0.55 10.87
C ASP D 104 -36.88 -0.08 9.70
N GLY D 105 -35.64 -0.56 9.63
CA GLY D 105 -34.79 -0.33 8.48
C GLY D 105 -33.66 0.63 8.73
N ASP D 106 -33.61 1.17 9.93
CA ASP D 106 -32.61 2.16 10.25
C ASP D 106 -31.27 1.52 10.38
N MET D 107 -30.28 2.18 9.81
CA MET D 107 -28.93 1.66 9.81
C MET D 107 -28.23 2.31 10.96
N ILE D 108 -28.38 1.70 12.12
CA ILE D 108 -27.90 2.32 13.35
C ILE D 108 -26.43 2.03 13.52
N PHE D 109 -25.93 1.10 12.72
CA PHE D 109 -24.50 0.93 12.69
C PHE D 109 -23.94 0.52 11.35
N LEU D 110 -22.84 1.17 10.99
CA LEU D 110 -22.10 0.93 9.76
C LEU D 110 -20.59 1.08 10.00
N SER D 111 -19.81 0.02 9.78
CA SER D 111 -18.37 0.10 10.02
C SER D 111 -17.75 1.18 9.14
N GLU D 112 -16.56 1.62 9.47
CA GLU D 112 -15.98 2.76 8.77
C GLU D 112 -15.72 2.37 7.32
N ASN D 113 -15.41 1.11 7.10
CA ASN D 113 -14.84 0.72 5.82
C ASN D 113 -15.86 0.68 4.71
N ILE D 114 -17.09 1.07 5.00
CA ILE D 114 -18.11 1.08 3.97
C ILE D 114 -17.76 2.01 2.82
N SER D 115 -17.16 3.16 3.16
CA SER D 115 -16.78 4.18 2.17
C SER D 115 -15.83 3.59 1.17
N LYS D 116 -14.93 2.74 1.65
CA LYS D 116 -14.02 2.01 0.79
C LYS D 116 -14.80 1.29 -0.28
N PHE D 117 -15.96 0.81 0.09
CA PHE D 117 -16.70 0.02 -0.86
C PHE D 117 -17.78 0.82 -1.59
N MET D 118 -18.46 1.73 -0.89
CA MET D 118 -19.63 2.33 -1.52
C MET D 118 -19.39 3.75 -1.89
N GLY D 119 -18.22 4.26 -1.53
CA GLY D 119 -17.98 5.68 -1.67
C GLY D 119 -18.63 6.39 -0.52
N LEU D 120 -19.92 6.09 -0.29
CA LEU D 120 -20.71 6.61 0.82
C LEU D 120 -20.00 6.42 2.16
N THR D 121 -20.03 7.44 3.01
CA THR D 121 -19.25 7.37 4.23
C THR D 121 -20.07 6.87 5.40
N GLN D 122 -19.36 6.42 6.42
CA GLN D 122 -19.96 5.97 7.66
C GLN D 122 -20.95 7.01 8.16
N VAL D 123 -20.48 8.25 8.19
CA VAL D 123 -21.25 9.38 8.66
C VAL D 123 -22.56 9.65 7.91
N GLU D 124 -22.57 9.55 6.59
CA GLU D 124 -23.76 9.95 5.84
C GLU D 124 -24.99 9.09 6.03
N LEU D 125 -24.80 7.82 6.38
CA LEU D 125 -25.93 6.90 6.39
C LEU D 125 -26.36 6.48 7.77
N THR D 126 -25.42 6.43 8.70
CA THR D 126 -25.71 5.91 10.02
C THR D 126 -26.98 6.54 10.55
N GLY D 127 -27.89 5.69 11.01
CA GLY D 127 -29.13 6.17 11.54
C GLY D 127 -30.13 6.44 10.44
N HIS D 128 -29.70 6.36 9.19
CA HIS D 128 -30.67 6.56 8.12
C HIS D 128 -31.26 5.24 7.72
N SER D 129 -32.25 5.32 6.84
CA SER D 129 -32.98 4.15 6.38
C SER D 129 -32.26 3.39 5.30
N ILE D 130 -32.23 2.08 5.47
CA ILE D 130 -31.68 1.22 4.46
C ILE D 130 -32.35 1.40 3.09
N PHE D 131 -33.64 1.68 3.08
CA PHE D 131 -34.38 1.63 1.84
C PHE D 131 -34.06 2.83 0.95
N ASP D 132 -33.47 3.84 1.57
CA ASP D 132 -33.21 5.08 0.84
C ASP D 132 -31.90 5.02 0.18
N PHE D 133 -31.28 3.86 0.24
CA PHE D 133 -29.99 3.70 -0.37
C PHE D 133 -29.91 2.34 -1.00
N THR D 134 -31.07 1.72 -1.16
CA THR D 134 -31.14 0.41 -1.79
C THR D 134 -32.17 0.40 -2.90
N HIS D 135 -31.95 -0.49 -3.87
CA HIS D 135 -32.81 -0.61 -5.02
C HIS D 135 -34.22 -0.96 -4.63
N PRO D 136 -35.17 -0.14 -5.06
CA PRO D 136 -36.61 -0.28 -4.80
C PRO D 136 -37.12 -1.64 -5.18
N CYS D 137 -36.50 -2.22 -6.19
CA CYS D 137 -36.87 -3.55 -6.63
C CYS D 137 -36.41 -4.61 -5.63
N ASP D 138 -35.65 -4.20 -4.61
CA ASP D 138 -35.14 -5.15 -3.64
C ASP D 138 -35.75 -4.94 -2.25
N HIS D 139 -36.48 -3.86 -2.09
CA HIS D 139 -36.98 -3.46 -0.78
C HIS D 139 -37.87 -4.47 -0.12
N GLU D 140 -38.74 -5.08 -0.89
CA GLU D 140 -39.70 -5.99 -0.31
C GLU D 140 -38.97 -7.22 0.21
N GLU D 141 -37.98 -7.71 -0.54
CA GLU D 141 -37.14 -8.78 -0.02
C GLU D 141 -36.36 -8.33 1.19
N ILE D 142 -35.80 -7.14 1.11
CA ILE D 142 -35.09 -6.58 2.25
C ILE D 142 -36.04 -6.59 3.44
N ARG D 143 -37.27 -6.15 3.22
CA ARG D 143 -38.28 -6.18 4.27
C ARG D 143 -38.33 -7.58 4.84
N GLU D 144 -38.20 -8.56 3.97
CA GLU D 144 -38.38 -9.95 4.36
C GLU D 144 -37.19 -10.57 5.09
N ASN D 145 -36.03 -9.96 5.02
CA ASN D 145 -34.90 -10.45 5.79
C ASN D 145 -34.80 -9.77 7.15
N LEU D 146 -35.45 -8.64 7.28
CA LEU D 146 -35.46 -7.89 8.53
C LEU D 146 -36.38 -8.42 9.62
N THR D 147 -37.39 -9.20 9.22
CA THR D 147 -38.47 -9.53 10.12
C THR D 147 -38.26 -10.85 10.84
N LEU D 148 -38.82 -10.91 12.05
CA LEU D 148 -38.92 -12.10 12.91
C LEU D 148 -37.64 -12.92 12.91
N VAL D 161 -38.11 -20.80 11.61
CA VAL D 161 -37.69 -20.12 12.83
C VAL D 161 -36.16 -19.92 12.81
N SER D 162 -35.52 -20.15 11.66
CA SER D 162 -34.09 -19.90 11.54
C SER D 162 -33.72 -18.45 11.52
N THR D 163 -32.61 -18.13 12.15
CA THR D 163 -32.23 -16.75 12.33
C THR D 163 -31.22 -16.34 11.27
N GLU D 164 -30.73 -17.32 10.54
CA GLU D 164 -29.60 -17.14 9.64
C GLU D 164 -30.11 -16.49 8.35
N ARG D 165 -29.30 -15.64 7.73
CA ARG D 165 -29.74 -14.86 6.57
C ARG D 165 -28.69 -14.80 5.45
N ASP D 166 -29.12 -15.01 4.20
CA ASP D 166 -28.24 -14.99 3.03
C ASP D 166 -28.94 -14.42 1.81
N PHE D 167 -28.49 -13.26 1.36
CA PHE D 167 -29.16 -12.61 0.25
C PHE D 167 -28.29 -11.61 -0.44
N PHE D 168 -28.76 -11.16 -1.59
CA PHE D 168 -28.08 -10.15 -2.37
C PHE D 168 -28.97 -8.94 -2.50
N MET D 169 -28.45 -7.76 -2.22
CA MET D 169 -29.24 -6.57 -2.52
C MET D 169 -28.41 -5.51 -3.22
N ARG D 170 -29.08 -4.72 -4.05
CA ARG D 170 -28.45 -3.60 -4.75
C ARG D 170 -28.48 -2.32 -3.93
N MET D 171 -27.30 -1.81 -3.61
CA MET D 171 -27.15 -0.61 -2.82
C MET D 171 -26.48 0.56 -3.58
N LYS D 172 -26.88 1.81 -3.32
CA LYS D 172 -26.24 2.96 -3.95
C LYS D 172 -24.74 2.93 -3.87
N CYS D 173 -24.13 3.19 -5.00
CA CYS D 173 -22.70 3.26 -5.09
C CYS D 173 -22.20 4.48 -5.83
N THR D 174 -21.28 5.19 -5.18
CA THR D 174 -20.67 6.34 -5.79
C THR D 174 -19.16 6.20 -5.85
N VAL D 175 -18.64 4.98 -5.97
CA VAL D 175 -17.21 4.83 -6.27
C VAL D 175 -17.00 3.82 -7.40
N THR D 181 -14.82 10.25 -5.72
CA THR D 181 -16.22 10.01 -5.36
C THR D 181 -17.14 10.94 -6.13
N VAL D 182 -18.42 10.59 -6.17
CA VAL D 182 -19.45 11.31 -6.92
C VAL D 182 -20.54 11.78 -5.96
N ASN D 183 -21.46 12.60 -6.43
CA ASN D 183 -22.58 13.00 -5.60
C ASN D 183 -23.66 11.94 -5.66
N LEU D 184 -24.58 12.05 -4.70
CA LEU D 184 -25.67 11.11 -4.51
C LEU D 184 -26.54 10.96 -5.77
N LYS D 185 -26.35 11.83 -6.75
CA LYS D 185 -27.23 11.84 -7.92
C LYS D 185 -26.84 10.88 -9.04
N SER D 186 -25.55 10.68 -9.22
CA SER D 186 -25.11 9.78 -10.27
C SER D 186 -24.60 8.46 -9.75
N ALA D 187 -25.38 7.82 -8.89
CA ALA D 187 -24.93 6.55 -8.34
C ALA D 187 -25.40 5.38 -9.18
N THR D 188 -24.55 4.38 -9.24
CA THR D 188 -24.90 3.13 -9.89
C THR D 188 -25.28 2.18 -8.80
N TRP D 189 -26.03 1.16 -9.17
CA TRP D 189 -26.40 0.14 -8.23
C TRP D 189 -25.28 -0.88 -8.09
N LYS D 190 -24.90 -1.17 -6.86
CA LYS D 190 -23.90 -2.18 -6.60
C LYS D 190 -24.55 -3.31 -5.83
N VAL D 191 -24.39 -4.53 -6.32
CA VAL D 191 -24.91 -5.72 -5.64
C VAL D 191 -24.03 -6.13 -4.46
N LEU D 192 -24.66 -6.35 -3.31
CA LEU D 192 -23.95 -6.81 -2.11
C LEU D 192 -24.40 -8.18 -1.70
N HIS D 193 -23.45 -9.09 -1.49
CA HIS D 193 -23.79 -10.35 -0.87
C HIS D 193 -23.76 -10.13 0.60
N CYS D 194 -24.93 -10.19 1.20
CA CYS D 194 -25.05 -9.97 2.62
C CYS D 194 -25.38 -11.26 3.34
N THR D 195 -24.51 -11.62 4.28
CA THR D 195 -24.69 -12.79 5.10
C THR D 195 -24.58 -12.37 6.55
N GLY D 196 -25.51 -12.83 7.36
CA GLY D 196 -25.46 -12.52 8.76
C GLY D 196 -26.60 -13.13 9.55
N GLN D 197 -27.02 -12.41 10.57
CA GLN D 197 -28.01 -12.97 11.48
C GLN D 197 -28.96 -11.92 12.05
N VAL D 198 -30.21 -12.33 12.27
CA VAL D 198 -31.17 -11.50 12.98
C VAL D 198 -31.12 -11.82 14.50
N ARG D 199 -31.26 -10.77 15.31
CA ARG D 199 -31.03 -10.80 16.75
C ARG D 199 -31.89 -9.74 17.43
N VAL D 200 -32.35 -10.03 18.62
CA VAL D 200 -33.21 -9.08 19.33
C VAL D 200 -32.50 -7.77 19.73
N TYR D 201 -33.32 -6.73 19.88
CA TYR D 201 -32.89 -5.36 20.15
C TYR D 201 -32.21 -4.71 18.98
N LEU D 218 -39.15 -5.78 18.63
CA LEU D 218 -37.91 -5.13 18.17
C LEU D 218 -36.93 -6.11 17.56
N SER D 219 -36.59 -5.90 16.29
CA SER D 219 -35.64 -6.78 15.64
C SER D 219 -34.43 -5.95 15.24
N CYS D 220 -33.36 -6.65 14.85
CA CYS D 220 -32.16 -6.01 14.38
C CYS D 220 -31.46 -6.97 13.45
N LEU D 221 -30.91 -6.49 12.34
CA LEU D 221 -30.18 -7.39 11.47
C LEU D 221 -28.72 -7.02 11.38
N ILE D 222 -27.87 -8.02 11.61
CA ILE D 222 -26.43 -7.82 11.64
C ILE D 222 -25.74 -8.60 10.53
N ILE D 223 -25.25 -7.90 9.52
CA ILE D 223 -24.73 -8.54 8.33
C ILE D 223 -23.36 -8.08 7.91
N MET D 224 -22.68 -8.94 7.17
CA MET D 224 -21.48 -8.55 6.47
C MET D 224 -21.87 -8.36 5.03
N CYS D 225 -21.51 -7.22 4.47
CA CYS D 225 -21.94 -6.90 3.15
C CYS D 225 -20.76 -6.88 2.27
N GLU D 226 -20.69 -7.89 1.42
CA GLU D 226 -19.59 -8.00 0.51
C GLU D 226 -20.07 -7.79 -0.88
N PRO D 227 -19.41 -6.89 -1.58
CA PRO D 227 -19.55 -6.74 -3.02
C PRO D 227 -18.85 -7.89 -3.68
N ILE D 228 -19.23 -8.17 -4.91
CA ILE D 228 -18.63 -9.24 -5.69
C ILE D 228 -17.68 -8.57 -6.68
N GLN D 229 -16.43 -8.99 -6.67
CA GLN D 229 -15.45 -8.26 -7.46
C GLN D 229 -15.75 -8.45 -8.93
N HIS D 230 -15.71 -7.36 -9.68
CA HIS D 230 -16.03 -7.42 -11.09
C HIS D 230 -14.80 -7.97 -11.80
N PRO D 231 -15.01 -8.96 -12.67
CA PRO D 231 -13.92 -9.70 -13.34
C PRO D 231 -12.92 -8.87 -14.16
N SER D 232 -13.35 -7.76 -14.73
CA SER D 232 -12.41 -6.95 -15.51
C SER D 232 -11.51 -6.13 -14.59
N HIS D 233 -11.88 -6.08 -13.33
CA HIS D 233 -11.21 -5.20 -12.40
C HIS D 233 -10.85 -5.93 -11.12
N MET D 234 -9.66 -6.51 -11.07
CA MET D 234 -9.31 -7.28 -9.90
C MET D 234 -8.13 -6.81 -9.05
N ASP D 235 -8.47 -6.39 -7.83
CA ASP D 235 -7.50 -6.07 -6.79
C ASP D 235 -6.84 -7.34 -6.27
N ILE D 236 -7.61 -8.42 -6.28
CA ILE D 236 -7.18 -9.66 -5.67
C ILE D 236 -6.82 -10.74 -6.69
N PRO D 237 -5.67 -11.40 -6.47
CA PRO D 237 -5.09 -12.59 -7.09
C PRO D 237 -5.99 -13.83 -7.17
N LEU D 238 -5.94 -14.51 -8.32
CA LEU D 238 -6.58 -15.81 -8.53
C LEU D 238 -5.57 -16.91 -8.74
N ASP D 239 -5.75 -18.06 -8.08
CA ASP D 239 -4.78 -19.14 -8.25
C ASP D 239 -5.21 -20.14 -9.31
N SER D 240 -4.53 -21.29 -9.30
CA SER D 240 -4.71 -22.34 -10.30
C SER D 240 -6.11 -22.87 -10.25
N LYS D 241 -6.60 -23.04 -9.03
CA LYS D 241 -7.87 -23.69 -8.82
C LYS D 241 -9.00 -22.75 -9.19
N THR D 242 -8.75 -21.95 -10.21
CA THR D 242 -9.72 -21.03 -10.70
C THR D 242 -9.71 -21.12 -12.18
N PHE D 243 -10.88 -21.11 -12.76
CA PHE D 243 -10.92 -20.92 -14.17
C PHE D 243 -12.10 -20.05 -14.46
N LEU D 244 -12.01 -19.31 -15.53
CA LEU D 244 -13.06 -18.40 -15.89
C LEU D 244 -13.81 -18.95 -17.06
N SER D 245 -15.05 -18.55 -17.17
CA SER D 245 -15.83 -18.97 -18.29
C SER D 245 -16.80 -17.86 -18.59
N ARG D 246 -17.31 -17.83 -19.81
CA ARG D 246 -18.27 -16.80 -20.15
C ARG D 246 -19.46 -17.47 -20.77
N HIS D 247 -20.62 -16.87 -20.58
CA HIS D 247 -21.83 -17.49 -21.03
C HIS D 247 -22.77 -16.49 -21.65
N SER D 248 -23.65 -16.98 -22.50
CA SER D 248 -24.80 -16.19 -22.89
C SER D 248 -25.73 -16.17 -21.71
N MET D 249 -26.86 -15.50 -21.86
CA MET D 249 -27.74 -15.27 -20.74
C MET D 249 -28.44 -16.51 -20.21
N ASP D 250 -28.55 -17.53 -21.03
CA ASP D 250 -29.18 -18.76 -20.55
C ASP D 250 -28.09 -19.73 -20.16
N MET D 251 -26.87 -19.21 -20.00
CA MET D 251 -25.73 -19.94 -19.42
C MET D 251 -25.08 -20.97 -20.33
N LYS D 252 -25.26 -20.80 -21.62
CA LYS D 252 -24.56 -21.65 -22.57
C LYS D 252 -23.10 -21.19 -22.62
N PHE D 253 -22.16 -22.12 -22.72
CA PHE D 253 -20.74 -21.74 -22.78
C PHE D 253 -20.37 -21.01 -24.05
N THR D 254 -19.70 -19.88 -23.91
CA THR D 254 -19.17 -19.16 -25.06
C THR D 254 -17.67 -18.98 -24.89
N TYR D 255 -17.17 -19.17 -23.68
CA TYR D 255 -15.73 -19.24 -23.44
C TYR D 255 -15.43 -19.92 -22.13
N CYS D 256 -14.29 -20.58 -22.06
CA CYS D 256 -13.80 -21.10 -20.81
C CYS D 256 -12.27 -21.07 -20.76
N ASP D 257 -11.73 -20.81 -19.56
CA ASP D 257 -10.30 -20.63 -19.40
C ASP D 257 -9.64 -21.98 -19.61
N ASP D 258 -8.38 -21.98 -20.06
CA ASP D 258 -7.68 -23.22 -20.42
C ASP D 258 -7.49 -24.20 -19.28
N ARG D 259 -7.66 -23.73 -18.06
CA ARG D 259 -7.44 -24.56 -16.88
C ARG D 259 -8.57 -25.53 -16.66
N ILE D 260 -9.68 -25.32 -17.35
CA ILE D 260 -10.82 -26.22 -17.24
C ILE D 260 -10.39 -27.64 -17.57
N LEU D 261 -9.56 -27.75 -18.58
CA LEU D 261 -9.01 -29.02 -19.01
C LEU D 261 -8.29 -29.64 -17.86
N GLU D 262 -7.46 -28.81 -17.27
CA GLU D 262 -6.64 -29.25 -16.19
C GLU D 262 -7.54 -29.49 -14.99
N LEU D 263 -8.43 -28.56 -14.71
CA LEU D 263 -9.16 -28.61 -13.48
C LEU D 263 -10.29 -29.65 -13.54
N ILE D 264 -10.93 -29.77 -14.70
CA ILE D 264 -12.15 -30.58 -14.79
C ILE D 264 -12.08 -31.59 -15.94
N GLY D 265 -11.15 -31.43 -16.86
CA GLY D 265 -10.89 -32.48 -17.83
C GLY D 265 -11.48 -32.18 -19.18
N TYR D 266 -12.21 -31.10 -19.27
CA TYR D 266 -12.83 -30.77 -20.52
C TYR D 266 -11.98 -29.84 -21.36
N HIS D 267 -12.04 -30.00 -22.67
CA HIS D 267 -11.48 -29.00 -23.57
C HIS D 267 -12.42 -27.83 -23.72
N PRO D 268 -11.86 -26.62 -23.79
CA PRO D 268 -12.80 -25.52 -24.03
C PRO D 268 -13.61 -25.75 -25.32
N GLU D 269 -13.00 -26.33 -26.36
CA GLU D 269 -13.73 -26.50 -27.63
C GLU D 269 -14.98 -27.33 -27.49
N GLU D 270 -14.94 -28.33 -26.63
CA GLU D 270 -16.07 -29.24 -26.50
C GLU D 270 -17.23 -28.74 -25.66
N LEU D 271 -17.02 -27.71 -24.86
CA LEU D 271 -18.05 -27.28 -23.92
C LEU D 271 -18.89 -26.21 -24.55
N LEU D 272 -18.35 -25.63 -25.60
CA LEU D 272 -19.04 -24.59 -26.33
C LEU D 272 -20.44 -25.04 -26.68
N GLY D 273 -21.40 -24.13 -26.55
CA GLY D 273 -22.74 -24.39 -27.02
C GLY D 273 -23.50 -25.26 -26.06
N ARG D 274 -22.81 -25.72 -25.04
CA ARG D 274 -23.47 -26.51 -24.03
C ARG D 274 -24.08 -25.63 -22.94
N SER D 275 -25.26 -26.02 -22.49
CA SER D 275 -25.88 -25.32 -21.40
C SER D 275 -25.14 -25.75 -20.16
N ALA D 276 -24.85 -24.80 -19.27
CA ALA D 276 -24.10 -25.08 -18.06
C ALA D 276 -24.80 -26.16 -17.25
N TYR D 277 -26.13 -26.18 -17.34
CA TYR D 277 -26.99 -27.05 -16.56
C TYR D 277 -26.73 -28.52 -16.82
N GLU D 278 -26.02 -28.80 -17.90
CA GLU D 278 -25.78 -30.16 -18.31
C GLU D 278 -24.70 -30.74 -17.43
N PHE D 279 -24.09 -29.88 -16.64
CA PHE D 279 -22.89 -30.24 -15.91
C PHE D 279 -23.03 -30.16 -14.40
N TYR D 280 -24.19 -29.76 -13.93
CA TYR D 280 -24.44 -29.79 -12.51
C TYR D 280 -24.84 -31.14 -12.02
N HIS D 281 -24.32 -31.52 -10.87
CA HIS D 281 -24.89 -32.67 -10.20
C HIS D 281 -26.33 -32.27 -9.92
N ALA D 282 -27.23 -33.25 -9.91
CA ALA D 282 -28.66 -32.96 -9.81
C ALA D 282 -29.09 -32.41 -8.45
N LEU D 283 -28.41 -32.80 -7.38
CA LEU D 283 -28.76 -32.32 -6.04
C LEU D 283 -28.59 -30.81 -5.94
N ASP D 284 -28.03 -30.23 -6.99
CA ASP D 284 -27.61 -28.86 -6.99
C ASP D 284 -28.53 -27.98 -7.82
N SER D 285 -29.22 -28.60 -8.77
CA SER D 285 -29.99 -27.85 -9.75
C SER D 285 -30.91 -26.82 -9.11
N GLU D 286 -31.56 -27.20 -8.01
CA GLU D 286 -32.47 -26.30 -7.34
C GLU D 286 -31.78 -25.02 -6.95
N ASN D 287 -30.66 -25.15 -6.28
CA ASN D 287 -29.94 -23.98 -5.82
C ASN D 287 -29.34 -23.17 -6.94
N MET D 288 -28.97 -23.85 -8.02
CA MET D 288 -28.35 -23.19 -9.15
C MET D 288 -29.36 -22.40 -9.94
N THR D 289 -30.56 -22.94 -10.12
CA THR D 289 -31.56 -22.17 -10.84
C THR D 289 -31.88 -20.90 -10.05
N LYS D 290 -31.89 -20.97 -8.73
CA LYS D 290 -32.15 -19.77 -7.95
C LYS D 290 -31.09 -18.69 -8.18
N SER D 291 -29.82 -19.10 -8.25
CA SER D 291 -28.71 -18.17 -8.48
C SER D 291 -28.84 -17.43 -9.80
N HIS D 292 -29.24 -18.17 -10.83
CA HIS D 292 -29.48 -17.62 -12.16
C HIS D 292 -30.48 -16.48 -12.06
N GLN D 293 -31.62 -16.75 -11.44
CA GLN D 293 -32.70 -15.80 -11.41
C GLN D 293 -32.21 -14.53 -10.72
N ASN D 294 -31.40 -14.71 -9.69
CA ASN D 294 -30.82 -13.57 -8.98
C ASN D 294 -29.95 -12.76 -9.91
N LEU D 295 -29.07 -13.47 -10.60
CA LEU D 295 -28.11 -12.87 -11.51
C LEU D 295 -28.79 -12.05 -12.60
N CYS D 296 -29.76 -12.66 -13.28
CA CYS D 296 -30.50 -11.99 -14.34
C CYS D 296 -31.11 -10.75 -13.74
N THR D 297 -31.75 -10.92 -12.59
CA THR D 297 -32.46 -9.81 -11.96
C THR D 297 -31.49 -8.77 -11.42
N LYS D 298 -30.37 -9.21 -10.85
CA LYS D 298 -29.54 -8.25 -10.13
C LYS D 298 -28.16 -7.96 -10.70
N GLY D 299 -27.61 -8.86 -11.51
CA GLY D 299 -26.40 -8.50 -12.23
C GLY D 299 -25.13 -9.16 -11.76
N GLN D 300 -25.12 -9.55 -10.49
CA GLN D 300 -24.02 -10.33 -9.94
C GLN D 300 -24.58 -11.39 -9.02
N VAL D 301 -23.83 -12.47 -8.81
CA VAL D 301 -24.21 -13.51 -7.85
C VAL D 301 -23.02 -14.30 -7.41
N VAL D 302 -23.13 -14.90 -6.24
CA VAL D 302 -22.25 -15.96 -5.83
C VAL D 302 -23.13 -17.17 -5.67
N SER D 303 -22.83 -18.24 -6.38
CA SER D 303 -23.59 -19.46 -6.20
C SER D 303 -23.28 -20.03 -4.83
N GLY D 304 -24.05 -21.01 -4.41
CA GLY D 304 -23.65 -21.74 -3.23
C GLY D 304 -22.58 -22.66 -3.77
N GLN D 305 -22.06 -23.55 -2.93
CA GLN D 305 -21.20 -24.58 -3.46
C GLN D 305 -22.05 -25.57 -4.23
N TYR D 306 -21.53 -26.05 -5.36
CA TYR D 306 -22.22 -27.08 -6.14
C TYR D 306 -21.27 -28.04 -6.79
N ARG D 307 -21.80 -29.18 -7.22
CA ARG D 307 -20.97 -30.18 -7.84
C ARG D 307 -21.10 -30.03 -9.31
N MET D 308 -19.95 -29.96 -9.95
CA MET D 308 -19.90 -29.98 -11.38
C MET D 308 -19.29 -31.28 -11.80
N LEU D 309 -19.95 -31.96 -12.71
CA LEU D 309 -19.50 -33.25 -13.16
C LEU D 309 -18.23 -33.13 -13.99
N ALA D 310 -17.21 -33.86 -13.57
CA ALA D 310 -15.88 -33.73 -14.14
C ALA D 310 -15.48 -34.84 -15.08
N LYS D 311 -14.57 -34.52 -15.98
CA LYS D 311 -13.95 -35.53 -16.77
C LYS D 311 -14.85 -36.62 -17.28
N HIS D 312 -14.46 -37.80 -16.83
CA HIS D 312 -15.03 -39.09 -17.20
C HIS D 312 -15.54 -39.82 -15.96
N GLY D 313 -16.15 -39.09 -15.05
CA GLY D 313 -16.68 -39.69 -13.85
C GLY D 313 -16.39 -38.82 -12.66
N GLY D 314 -17.19 -38.99 -11.63
CA GLY D 314 -17.11 -38.18 -10.44
C GLY D 314 -17.30 -36.72 -10.72
N TYR D 315 -17.01 -35.89 -9.74
CA TYR D 315 -17.29 -34.47 -9.85
C TYR D 315 -16.35 -33.68 -8.96
N VAL D 316 -16.31 -32.37 -9.18
CA VAL D 316 -15.55 -31.48 -8.34
C VAL D 316 -16.50 -30.53 -7.66
N TRP D 317 -16.09 -30.04 -6.50
CA TRP D 317 -16.86 -29.00 -5.84
C TRP D 317 -16.46 -27.62 -6.33
N LEU D 318 -17.44 -26.82 -6.72
CA LEU D 318 -17.21 -25.48 -7.22
C LEU D 318 -18.05 -24.43 -6.50
N GLU D 319 -17.57 -23.19 -6.52
CA GLU D 319 -18.42 -22.04 -6.28
C GLU D 319 -18.07 -20.97 -7.29
N THR D 320 -19.07 -20.40 -7.93
CA THR D 320 -18.80 -19.44 -8.98
C THR D 320 -19.48 -18.11 -8.75
N GLN D 321 -18.72 -17.05 -8.98
CA GLN D 321 -19.25 -15.69 -9.01
C GLN D 321 -19.57 -15.30 -10.43
N GLY D 322 -20.76 -14.76 -10.66
CA GLY D 322 -21.15 -14.39 -12.01
C GLY D 322 -21.46 -12.93 -12.06
N THR D 323 -21.05 -12.27 -13.14
CA THR D 323 -21.33 -10.88 -13.35
C THR D 323 -21.86 -10.69 -14.74
N VAL D 324 -22.94 -9.96 -14.88
CA VAL D 324 -23.39 -9.63 -16.22
C VAL D 324 -22.53 -8.54 -16.84
N ILE D 325 -21.99 -8.84 -18.01
CA ILE D 325 -21.19 -7.90 -18.75
C ILE D 325 -22.07 -7.18 -19.76
N TYR D 326 -21.98 -5.87 -19.80
CA TYR D 326 -22.76 -5.11 -20.77
C TYR D 326 -21.93 -4.72 -21.98
N ASN D 327 -22.59 -4.59 -23.11
CA ASN D 327 -21.93 -4.10 -24.29
C ASN D 327 -21.68 -2.63 -24.02
N PRO D 328 -20.40 -2.23 -23.93
CA PRO D 328 -20.01 -0.90 -23.44
C PRO D 328 -20.47 0.24 -24.34
N ARG D 329 -20.83 -0.11 -25.55
CA ARG D 329 -21.26 0.86 -26.55
C ARG D 329 -22.78 1.01 -26.63
N ASN D 330 -23.51 -0.09 -26.61
CA ASN D 330 -24.97 0.03 -26.70
C ASN D 330 -25.67 -0.27 -25.39
N LEU D 331 -24.87 -0.47 -24.34
CA LEU D 331 -25.36 -0.77 -23.01
C LEU D 331 -26.35 -1.90 -22.95
N GLN D 332 -26.22 -2.82 -23.88
CA GLN D 332 -27.00 -4.02 -23.82
C GLN D 332 -26.14 -5.02 -23.11
N PRO D 333 -26.78 -5.93 -22.39
CA PRO D 333 -26.14 -7.08 -21.75
C PRO D 333 -25.44 -7.95 -22.78
N GLN D 334 -24.12 -8.02 -22.70
CA GLN D 334 -23.36 -8.77 -23.67
C GLN D 334 -23.24 -10.23 -23.26
N CYS D 335 -22.83 -10.48 -22.02
CA CYS D 335 -22.57 -11.83 -21.57
C CYS D 335 -22.61 -12.00 -20.06
N ILE D 336 -22.21 -13.18 -19.61
CA ILE D 336 -22.02 -13.43 -18.19
C ILE D 336 -20.59 -13.84 -17.96
N MET D 337 -19.89 -13.15 -17.08
CA MET D 337 -18.56 -13.61 -16.72
C MET D 337 -18.59 -14.42 -15.44
N CYS D 338 -18.02 -15.62 -15.47
CA CYS D 338 -17.99 -16.47 -14.29
C CYS D 338 -16.58 -16.75 -13.82
N VAL D 339 -16.35 -16.51 -12.54
CA VAL D 339 -15.11 -16.93 -11.92
C VAL D 339 -15.36 -18.22 -11.18
N ASN D 340 -14.75 -19.29 -11.65
CA ASN D 340 -15.08 -20.58 -11.10
C ASN D 340 -13.94 -21.08 -10.26
N TYR D 341 -14.20 -21.18 -8.96
CA TYR D 341 -13.22 -21.60 -7.94
C TYR D 341 -13.32 -23.09 -7.59
N VAL D 342 -12.30 -23.86 -7.92
CA VAL D 342 -12.33 -25.29 -7.64
C VAL D 342 -11.91 -25.60 -6.20
N LEU D 343 -12.82 -26.22 -5.45
CA LEU D 343 -12.64 -26.35 -4.01
C LEU D 343 -12.21 -27.72 -3.57
N SER D 344 -12.14 -28.65 -4.50
CA SER D 344 -11.83 -29.99 -4.10
C SER D 344 -11.10 -30.72 -5.19
N GLU D 345 -10.67 -31.94 -4.86
CA GLU D 345 -10.24 -32.91 -5.85
C GLU D 345 -11.45 -33.55 -6.49
N ILE D 346 -11.22 -34.39 -7.48
CA ILE D 346 -12.32 -35.13 -8.06
C ILE D 346 -12.74 -36.23 -7.13
N GLU D 347 -14.00 -36.19 -6.77
CA GLU D 347 -14.56 -37.17 -5.90
C GLU D 347 -15.32 -38.16 -6.75
N LYS D 348 -15.40 -39.40 -6.31
CA LYS D 348 -16.10 -40.46 -7.05
C LYS D 348 -15.84 -40.56 -8.55
N ASN D 349 -14.62 -40.24 -8.98
CA ASN D 349 -14.25 -40.33 -10.39
C ASN D 349 -14.71 -41.63 -11.03
N ASP D 350 -14.66 -42.72 -10.28
CA ASP D 350 -15.05 -44.01 -10.76
C ASP D 350 -16.49 -44.01 -11.28
N VAL D 351 -17.35 -43.24 -10.63
CA VAL D 351 -18.77 -43.31 -10.96
C VAL D 351 -19.09 -42.44 -12.16
N VAL D 352 -19.62 -43.06 -13.20
CA VAL D 352 -20.14 -42.30 -14.33
C VAL D 352 -21.59 -41.94 -14.10
N PHE D 353 -21.86 -40.64 -14.18
CA PHE D 353 -23.18 -40.12 -13.87
C PHE D 353 -23.96 -39.72 -15.11
N SER D 354 -23.28 -39.29 -16.16
CA SER D 354 -24.01 -38.73 -17.28
C SER D 354 -23.56 -39.34 -18.58
N MET D 355 -24.26 -38.99 -19.64
CA MET D 355 -23.92 -39.47 -20.97
C MET D 355 -22.53 -39.06 -21.38
N ASP D 356 -22.11 -37.88 -20.95
CA ASP D 356 -20.84 -37.35 -21.37
C ASP D 356 -19.66 -38.17 -20.87
N GLN D 357 -19.75 -38.63 -19.62
CA GLN D 357 -18.67 -39.37 -18.99
C GLN D 357 -18.44 -40.78 -19.54
N THR D 358 -19.51 -41.34 -20.11
CA THR D 358 -19.51 -42.69 -20.65
C THR D 358 -18.53 -43.01 -21.80
N GLU D 359 -18.28 -42.07 -22.72
CA GLU D 359 -17.52 -42.41 -23.92
C GLU D 359 -16.12 -42.93 -23.60
#